data_3PMH
#
_entry.id   3PMH
#
_cell.length_a   67.657
_cell.length_b   67.657
_cell.length_c   329.730
_cell.angle_alpha   90.00
_cell.angle_beta   90.00
_cell.angle_gamma   90.00
#
_symmetry.space_group_name_H-M   'P 43 21 2'
#
loop_
_entity.id
_entity.type
_entity.pdbx_description
1 polymer 'THROMBIN ALPHA-CHAIN'
2 polymer 'THROMBIN BETA-CHAIN'
3 polymer 'Platelet glycoprotein Ib alpha chain'
4 branched alpha-D-mannopyranose-(1-3)-[alpha-D-mannopyranose-(1-6)]alpha-D-mannopyranose-(1-4)-2-acetamido-2-deoxy-beta-D-glucopyranose-(1-4)-2-acetamido-2-deoxy-beta-D-glucopyranose
5 non-polymer D-phenylalanyl-N-[(3S)-6-carbamimidamido-1-chloro-2-oxohexan-3-yl]-L-prolinamide
6 non-polymer 2-acetamido-2-deoxy-beta-D-glucopyranose
#
loop_
_entity_poly.entity_id
_entity_poly.type
_entity_poly.pdbx_seq_one_letter_code
_entity_poly.pdbx_strand_id
1 'polypeptide(L)' TFGSGEADCGLRPLFEKKSLEDKTERELLESYIDGR A
2 'polypeptide(L)'
;IVEGSDAEIGMSPWQVMLFRKSPQELLCGASLISDRWVLTAAHCLLYPPWDKNFTENDLLVRIGKHSRTRYERNIEKISM
LEKIYIHPRYNWRENLDRDIALMKLKKPVAFSDYIHPVCLPDRETAASLLQAGYKGRVTGWGNLKETWTANVGKGQPSVL
QVVNLPIVERPVCKDSTRIRITDNMFCAGYKPDEGKRGDACEGDSGGPFVMKSPFNNRWYQMGIVSWGEGCDRDGKYGFY
THVFRLKKWIQKVIDQFGE
;
B
3 'polypeptide(L)'
;HPICEVSKVASHLEVNCDKRNLTALPPDLPKDTTILHLSENLLYTFSLATLMPYTRLTQLNLDRAELTKLQVDGTLPVLG
TLDLSHNQLQSLPLLGQTLPALTVLDVSFNRLTSLPLGALRGLGELQELYLKGNELKTLPPGLLTPTPKLEKLSLANNNL
TELPAGLLNGLENLDTLLLQENSLYTIPKGFFGSHLLPFAFLHGNPWLCNCEILYFRRWLQDNAENVYVWKQGVDVKAMT
SNVASVQCDNSDKFPVYKYPGKGCPTLGDEGDTDL(TYS)D(TYS)(TYS)PEEDTEGDKVR
;
G
#
loop_
_chem_comp.id
_chem_comp.type
_chem_comp.name
_chem_comp.formula
0G7 peptide-like D-phenylalanyl-N-[(3S)-6-carbamimidamido-1-chloro-2-oxohexan-3-yl]-L-prolinamide 'C21 H31 Cl N6 O3'
MAN D-saccharide, alpha linking alpha-D-mannopyranose 'C6 H12 O6'
NAG D-saccharide, beta linking 2-acetamido-2-deoxy-beta-D-glucopyranose 'C8 H15 N O6'
#
# COMPACT_ATOMS: atom_id res chain seq x y z
N THR A 1 -7.91 11.64 -23.24
CA THR A 1 -7.10 11.22 -24.42
C THR A 1 -5.79 10.56 -24.04
N PHE A 2 -5.37 10.74 -22.79
CA PHE A 2 -4.07 10.20 -22.37
C PHE A 2 -4.03 9.32 -21.11
N GLY A 3 -2.98 8.48 -21.06
CA GLY A 3 -2.74 7.58 -19.95
C GLY A 3 -1.35 7.77 -19.33
N SER A 4 -0.28 7.49 -20.12
CA SER A 4 1.13 7.62 -19.69
C SER A 4 1.78 6.35 -19.14
N GLY A 5 2.81 5.86 -19.83
CA GLY A 5 3.50 4.67 -19.39
C GLY A 5 3.93 3.72 -20.51
N GLU A 6 3.30 3.87 -21.68
CA GLU A 6 3.58 3.05 -22.86
C GLU A 6 5.00 3.27 -23.43
N ALA A 7 5.33 2.52 -24.48
CA ALA A 7 6.63 2.64 -25.12
C ALA A 7 7.69 2.14 -24.15
N ASP A 8 7.32 2.09 -22.90
CA ASP A 8 8.21 1.65 -21.86
C ASP A 8 7.58 0.38 -21.28
N CYS A 9 6.28 0.23 -21.53
CA CYS A 9 5.49 -0.89 -21.03
C CYS A 9 6.05 -2.29 -21.30
N GLY A 10 5.56 -3.26 -20.53
CA GLY A 10 5.96 -4.64 -20.69
C GLY A 10 7.42 -4.94 -20.44
N LEU A 11 8.17 -3.98 -19.94
CA LEU A 11 9.59 -4.20 -19.68
C LEU A 11 9.84 -4.07 -18.18
N ARG A 12 10.06 -5.20 -17.52
CA ARG A 12 10.29 -5.22 -16.06
C ARG A 12 11.65 -4.69 -15.61
N PRO A 13 11.64 -3.73 -14.66
CA PRO A 13 12.86 -3.13 -14.12
C PRO A 13 13.87 -4.18 -13.66
N LEU A 14 13.42 -5.08 -12.78
CA LEU A 14 14.26 -6.14 -12.23
C LEU A 14 14.54 -7.28 -13.18
N PHE A 15 14.15 -7.16 -14.44
CA PHE A 15 14.39 -8.25 -15.38
C PHE A 15 14.86 -7.78 -16.76
N GLU A 16 13.94 -7.59 -17.69
CA GLU A 16 14.33 -7.16 -19.02
C GLU A 16 15.34 -6.02 -18.92
N LYS A 17 15.00 -5.00 -18.14
CA LYS A 17 15.86 -3.84 -17.97
C LYS A 17 17.26 -4.12 -17.45
N LYS A 18 17.41 -5.21 -16.69
CA LYS A 18 18.70 -5.58 -16.16
C LYS A 18 19.20 -6.75 -16.97
N SER A 19 18.47 -7.04 -18.05
CA SER A 19 18.81 -8.15 -18.92
C SER A 19 18.86 -9.46 -18.14
N LEU A 20 17.87 -9.66 -17.28
CA LEU A 20 17.73 -10.86 -16.44
C LEU A 20 16.40 -11.55 -16.76
N GLU A 21 16.41 -12.86 -16.83
CA GLU A 21 15.19 -13.60 -17.13
C GLU A 21 14.69 -14.32 -15.88
N ASP A 22 13.38 -14.29 -15.67
CA ASP A 22 12.82 -14.97 -14.52
C ASP A 22 12.92 -16.48 -14.75
N LYS A 23 12.78 -17.22 -13.66
CA LYS A 23 12.90 -18.67 -13.66
C LYS A 23 12.05 -19.48 -14.66
N THR A 24 10.90 -18.97 -15.08
CA THR A 24 10.05 -19.74 -15.98
C THR A 24 9.58 -19.10 -17.27
N GLU A 25 10.14 -17.95 -17.65
CA GLU A 25 9.68 -17.35 -18.88
C GLU A 25 10.09 -18.17 -20.09
N ARG A 26 11.00 -19.12 -19.88
CA ARG A 26 11.44 -19.96 -21.00
C ARG A 26 10.31 -20.88 -21.40
N GLU A 27 9.59 -21.37 -20.39
CA GLU A 27 8.44 -22.23 -20.61
C GLU A 27 7.55 -21.61 -21.66
N LEU A 28 7.38 -20.29 -21.59
CA LEU A 28 6.53 -19.59 -22.53
C LEU A 28 7.20 -19.55 -23.90
N LEU A 29 8.48 -19.18 -23.94
CA LEU A 29 9.23 -19.07 -25.20
C LEU A 29 9.33 -20.36 -26.01
N GLU A 30 9.48 -21.49 -25.33
CA GLU A 30 9.54 -22.77 -26.02
C GLU A 30 8.17 -23.16 -26.54
N SER A 31 7.13 -22.46 -26.09
CA SER A 31 5.78 -22.77 -26.53
C SER A 31 5.50 -22.24 -27.91
N TYR A 32 6.32 -21.29 -28.38
CA TYR A 32 6.11 -20.70 -29.70
C TYR A 32 6.70 -21.55 -30.82
N ILE A 33 7.26 -22.70 -30.47
CA ILE A 33 7.83 -23.62 -31.44
C ILE A 33 6.89 -24.82 -31.56
N ASP A 34 6.57 -25.18 -32.80
CA ASP A 34 5.69 -26.31 -33.05
C ASP A 34 6.15 -27.50 -32.20
N GLY A 35 5.23 -28.04 -31.39
CA GLY A 35 5.54 -29.17 -30.54
C GLY A 35 5.26 -30.54 -31.16
N ARG A 36 4.87 -30.51 -32.43
CA ARG A 36 4.56 -31.70 -33.23
C ARG A 36 3.19 -32.29 -32.90
N ILE B 1 -4.66 -18.69 -7.41
CA ILE B 1 -4.05 -19.57 -8.44
C ILE B 1 -3.83 -21.00 -7.90
N VAL B 2 -4.29 -22.00 -8.64
CA VAL B 2 -4.15 -23.39 -8.21
C VAL B 2 -3.02 -24.08 -8.94
N GLU B 3 -2.24 -24.89 -8.20
CA GLU B 3 -1.09 -25.60 -8.76
C GLU B 3 -0.06 -24.64 -9.37
N GLY B 4 0.08 -23.46 -8.77
CA GLY B 4 1.04 -22.51 -9.26
C GLY B 4 2.21 -22.47 -8.31
N SER B 5 3.06 -21.45 -8.44
CA SER B 5 4.23 -21.30 -7.57
C SER B 5 4.36 -19.87 -7.05
N ASP B 6 5.22 -19.68 -6.06
CA ASP B 6 5.44 -18.34 -5.52
C ASP B 6 6.12 -17.48 -6.59
N ALA B 7 5.67 -16.24 -6.75
CA ALA B 7 6.26 -15.37 -7.73
C ALA B 7 7.58 -14.81 -7.21
N GLU B 8 8.45 -14.42 -8.15
CA GLU B 8 9.73 -13.81 -7.85
C GLU B 8 9.43 -12.32 -7.64
N ILE B 9 10.32 -11.61 -6.95
CA ILE B 9 10.10 -10.19 -6.69
C ILE B 9 10.13 -9.34 -7.98
N GLY B 10 9.13 -8.48 -8.14
CA GLY B 10 9.09 -7.61 -9.32
C GLY B 10 8.86 -8.37 -10.62
N MET B 11 8.48 -9.65 -10.50
CA MET B 11 8.22 -10.55 -11.64
C MET B 11 6.95 -10.17 -12.42
N SER B 12 5.99 -9.57 -11.71
CA SER B 12 4.73 -9.13 -12.31
C SER B 12 4.47 -7.74 -11.72
N PRO B 13 5.31 -6.75 -12.07
CA PRO B 13 5.21 -5.37 -11.57
C PRO B 13 3.85 -4.70 -11.81
N TRP B 14 3.17 -5.13 -12.86
CA TRP B 14 1.86 -4.60 -13.23
C TRP B 14 0.71 -5.18 -12.43
N GLN B 15 1.02 -6.13 -11.55
CA GLN B 15 -0.02 -6.76 -10.73
C GLN B 15 -0.69 -5.77 -9.79
N VAL B 16 -2.02 -5.76 -9.82
CA VAL B 16 -2.78 -4.88 -8.96
C VAL B 16 -3.76 -5.67 -8.08
N MET B 17 -3.95 -5.17 -6.87
CA MET B 17 -4.81 -5.82 -5.91
C MET B 17 -6.03 -4.94 -5.72
N LEU B 18 -7.21 -5.50 -5.95
CA LEU B 18 -8.41 -4.71 -5.76
C LEU B 18 -8.83 -4.94 -4.31
N PHE B 19 -8.69 -3.89 -3.51
CA PHE B 19 -8.99 -3.95 -2.07
C PHE B 19 -10.31 -3.30 -1.67
N ARG B 20 -11.07 -3.97 -0.82
CA ARG B 20 -12.33 -3.43 -0.37
C ARG B 20 -12.05 -2.71 0.94
N LYS B 21 -12.52 -1.45 1.06
CA LYS B 21 -12.28 -0.68 2.28
C LYS B 21 -12.94 -1.23 3.53
N SER B 22 -14.22 -1.52 3.44
CA SER B 22 -14.97 -2.04 4.59
C SER B 22 -16.06 -3.05 4.23
N PRO B 23 -15.90 -4.30 4.71
CA PRO B 23 -14.77 -4.73 5.54
C PRO B 23 -13.54 -4.71 4.67
N GLN B 24 -12.37 -4.75 5.28
CA GLN B 24 -11.11 -4.76 4.54
C GLN B 24 -10.88 -6.17 3.99
N GLU B 25 -11.02 -6.34 2.67
CA GLU B 25 -10.78 -7.63 2.05
C GLU B 25 -10.31 -7.50 0.61
N LEU B 26 -9.56 -8.51 0.17
CA LEU B 26 -9.05 -8.54 -1.19
C LEU B 26 -10.23 -9.09 -1.98
N LEU B 27 -10.66 -8.38 -3.01
CA LEU B 27 -11.79 -8.87 -3.79
C LEU B 27 -11.27 -9.60 -5.01
N CYS B 28 -10.55 -8.85 -5.83
CA CYS B 28 -10.02 -9.38 -7.07
C CYS B 28 -8.59 -8.99 -7.30
N GLY B 29 -8.19 -9.20 -8.54
CA GLY B 29 -6.87 -8.84 -9.00
C GLY B 29 -7.10 -7.83 -10.10
N ALA B 30 -6.04 -7.31 -10.68
CA ALA B 30 -6.17 -6.33 -11.72
C ALA B 30 -4.78 -6.06 -12.28
N SER B 31 -4.70 -5.20 -13.26
CA SER B 31 -3.42 -4.92 -13.87
C SER B 31 -3.26 -3.45 -14.17
N LEU B 32 -2.00 -2.98 -14.13
CA LEU B 32 -1.67 -1.59 -14.41
C LEU B 32 -1.36 -1.45 -15.90
N ILE B 33 -1.98 -0.47 -16.57
CA ILE B 33 -1.71 -0.29 -17.98
C ILE B 33 -1.10 1.06 -18.26
N SER B 34 -1.12 1.94 -17.27
CA SER B 34 -0.53 3.26 -17.39
C SER B 34 -0.46 3.85 -16.00
N ASP B 35 0.17 5.03 -15.88
CA ASP B 35 0.32 5.66 -14.57
C ASP B 35 -0.97 6.11 -13.90
N ARG B 36 -2.12 5.82 -14.51
CA ARG B 36 -3.40 6.22 -13.91
C ARG B 36 -4.60 5.37 -14.31
N TRP B 37 -4.35 4.31 -15.08
CA TRP B 37 -5.42 3.41 -15.55
C TRP B 37 -5.25 1.95 -15.15
N VAL B 38 -6.28 1.39 -14.51
CA VAL B 38 -6.23 -0.02 -14.11
C VAL B 38 -7.28 -0.82 -14.85
N LEU B 39 -6.96 -2.07 -15.15
CA LEU B 39 -7.86 -2.96 -15.87
C LEU B 39 -8.16 -4.24 -15.10
N THR B 40 -9.44 -4.52 -14.88
CA THR B 40 -9.83 -5.72 -14.18
C THR B 40 -11.08 -6.32 -14.83
N ALA B 41 -11.65 -7.33 -14.18
CA ALA B 41 -12.84 -8.00 -14.66
C ALA B 41 -14.04 -7.18 -14.23
N ALA B 42 -15.10 -7.21 -15.03
CA ALA B 42 -16.31 -6.47 -14.71
C ALA B 42 -17.02 -7.04 -13.49
N HIS B 43 -17.23 -8.36 -13.48
CA HIS B 43 -17.94 -8.98 -12.37
C HIS B 43 -17.31 -8.80 -11.02
N CYS B 44 -16.12 -8.19 -10.97
CA CYS B 44 -15.42 -7.93 -9.72
C CYS B 44 -16.06 -6.73 -9.03
N LEU B 45 -16.69 -5.90 -9.85
CA LEU B 45 -17.33 -4.69 -9.38
C LEU B 45 -18.84 -4.77 -9.45
N LEU B 46 -19.35 -5.42 -10.49
CA LEU B 46 -20.79 -5.54 -10.65
C LEU B 46 -21.29 -6.94 -10.97
N TYR B 47 -22.18 -7.47 -10.13
CA TYR B 47 -22.74 -8.78 -10.38
C TYR B 47 -24.10 -8.92 -9.72
N PRO B 48 -25.12 -8.28 -10.31
CA PRO B 48 -26.49 -8.31 -9.78
C PRO B 48 -26.93 -9.66 -9.20
N PRO B 49 -26.59 -10.78 -9.86
CA PRO B 49 -26.99 -12.11 -9.36
C PRO B 49 -26.57 -12.37 -7.90
N TRP B 50 -25.47 -11.76 -7.48
CA TRP B 50 -24.96 -11.90 -6.11
C TRP B 50 -24.92 -10.49 -5.50
N ASP B 51 -25.95 -9.69 -5.80
CA ASP B 51 -26.01 -8.31 -5.34
C ASP B 51 -24.66 -7.73 -4.97
N LYS B 52 -23.76 -7.76 -5.93
CA LYS B 52 -22.43 -7.21 -5.79
C LYS B 52 -22.49 -5.97 -6.66
N ASN B 53 -22.10 -4.84 -6.08
CA ASN B 53 -22.06 -3.56 -6.83
C ASN B 53 -21.18 -2.55 -6.11
N PHE B 54 -19.89 -2.62 -6.42
CA PHE B 54 -18.93 -1.74 -5.78
C PHE B 54 -18.68 -0.43 -6.51
N THR B 55 -18.82 0.66 -5.75
CA THR B 55 -18.61 1.99 -6.29
C THR B 55 -17.19 2.44 -5.96
N GLU B 56 -16.72 3.46 -6.68
CA GLU B 56 -15.38 3.99 -6.50
C GLU B 56 -15.02 4.14 -5.05
N ASN B 57 -15.93 4.73 -4.27
CA ASN B 57 -15.65 4.95 -2.86
C ASN B 57 -15.54 3.71 -1.97
N ASP B 58 -15.87 2.55 -2.51
CA ASP B 58 -15.83 1.30 -1.75
C ASP B 58 -14.52 0.56 -1.89
N LEU B 59 -13.67 1.02 -2.81
CA LEU B 59 -12.39 0.36 -3.06
C LEU B 59 -11.11 1.19 -2.95
N LEU B 60 -10.02 0.43 -2.90
CA LEU B 60 -8.67 0.94 -2.87
C LEU B 60 -7.90 0.05 -3.83
N VAL B 61 -6.77 0.55 -4.30
CA VAL B 61 -5.97 -0.22 -5.20
C VAL B 61 -4.56 -0.29 -4.65
N ARG B 62 -4.12 -1.50 -4.32
CA ARG B 62 -2.79 -1.74 -3.82
C ARG B 62 -1.93 -2.22 -5.01
N ILE B 63 -0.83 -1.51 -5.25
CA ILE B 63 0.05 -1.80 -6.37
C ILE B 63 1.49 -2.13 -5.95
N GLY B 64 2.13 -3.02 -6.72
CA GLY B 64 3.52 -3.38 -6.45
C GLY B 64 3.74 -4.26 -5.24
N LYS B 65 2.72 -5.07 -4.93
CA LYS B 65 2.78 -5.99 -3.80
C LYS B 65 3.25 -7.38 -4.15
N HIS B 66 3.74 -8.09 -3.14
CA HIS B 66 4.20 -9.47 -3.26
C HIS B 66 3.37 -10.26 -2.26
N SER B 67 3.49 -9.90 -0.98
CA SER B 67 2.75 -10.60 0.07
C SER B 67 1.27 -10.27 -0.03
N ARG B 68 0.43 -11.27 0.25
CA ARG B 68 -1.02 -11.09 0.17
C ARG B 68 -1.56 -10.22 1.31
N THR B 69 -0.98 -10.33 2.50
CA THR B 69 -1.45 -9.58 3.65
C THR B 69 -0.51 -8.62 4.38
N ARG B 70 0.79 -8.65 4.12
CA ARG B 70 1.70 -7.75 4.85
C ARG B 70 1.81 -6.38 4.17
N TYR B 71 1.60 -5.29 4.93
CA TYR B 71 1.76 -3.98 4.32
C TYR B 71 3.23 -3.97 4.00
N GLU B 72 3.58 -3.55 2.79
CA GLU B 72 4.98 -3.56 2.42
C GLU B 72 5.58 -2.17 2.27
N ARG B 73 6.18 -1.74 3.37
CA ARG B 73 6.87 -0.46 3.57
C ARG B 73 6.88 0.48 2.36
N ASN B 74 8.06 0.71 1.81
CA ASN B 74 8.17 1.59 0.68
C ASN B 74 8.26 0.80 -0.61
N ILE B 75 7.39 -0.20 -0.70
CA ILE B 75 7.33 -1.05 -1.88
C ILE B 75 5.99 -0.85 -2.62
N GLU B 76 4.88 -1.07 -1.92
CA GLU B 76 3.54 -0.94 -2.49
C GLU B 76 3.01 0.49 -2.43
N LYS B 77 2.11 0.82 -3.35
CA LYS B 77 1.48 2.14 -3.38
C LYS B 77 -0.03 1.97 -3.32
N ILE B 78 -0.68 2.74 -2.46
CA ILE B 78 -2.12 2.63 -2.34
C ILE B 78 -2.73 3.82 -3.02
N SER B 79 -3.61 3.53 -3.97
CA SER B 79 -4.28 4.58 -4.73
C SER B 79 -5.79 4.45 -4.61
N MET B 80 -6.48 5.57 -4.75
CA MET B 80 -7.94 5.60 -4.66
C MET B 80 -8.52 5.66 -6.08
N LEU B 81 -9.81 5.36 -6.19
CA LEU B 81 -10.46 5.39 -7.49
C LEU B 81 -11.15 6.71 -7.79
N GLU B 82 -10.95 7.23 -8.99
CA GLU B 82 -11.58 8.47 -9.41
C GLU B 82 -12.85 8.10 -10.15
N LYS B 83 -12.77 7.08 -11.01
CA LYS B 83 -13.92 6.66 -11.78
C LYS B 83 -13.86 5.22 -12.30
N ILE B 84 -15.00 4.54 -12.22
CA ILE B 84 -15.10 3.18 -12.72
C ILE B 84 -15.90 3.18 -14.03
N TYR B 85 -15.40 2.41 -14.98
CA TYR B 85 -16.05 2.29 -16.29
C TYR B 85 -16.20 0.81 -16.61
N ILE B 86 -17.44 0.32 -16.57
CA ILE B 86 -17.70 -1.06 -16.90
C ILE B 86 -18.22 -1.04 -18.32
N HIS B 87 -17.81 -2.05 -19.09
CA HIS B 87 -18.25 -2.13 -20.48
C HIS B 87 -19.77 -2.05 -20.47
N PRO B 88 -20.35 -1.15 -21.28
CA PRO B 88 -21.80 -0.95 -21.36
C PRO B 88 -22.57 -2.18 -21.85
N ARG B 89 -21.87 -3.13 -22.46
CA ARG B 89 -22.53 -4.36 -22.92
C ARG B 89 -22.02 -5.62 -22.21
N TYR B 90 -21.66 -5.49 -20.93
CA TYR B 90 -21.19 -6.60 -20.09
C TYR B 90 -22.41 -7.46 -19.78
N ASN B 91 -22.32 -8.75 -20.08
CA ASN B 91 -23.43 -9.67 -19.89
C ASN B 91 -23.38 -10.47 -18.59
N TRP B 92 -23.85 -9.89 -17.47
CA TRP B 92 -23.83 -10.62 -16.20
C TRP B 92 -24.93 -11.65 -16.09
N ARG B 93 -26.03 -11.40 -16.80
CA ARG B 93 -27.17 -12.31 -16.76
C ARG B 93 -26.93 -13.73 -17.26
N GLU B 94 -25.96 -13.94 -18.15
CA GLU B 94 -25.74 -15.30 -18.66
C GLU B 94 -24.35 -15.94 -18.61
N ASN B 95 -23.38 -15.31 -19.27
CA ASN B 95 -22.03 -15.88 -19.34
C ASN B 95 -20.88 -14.90 -19.10
N LEU B 96 -21.18 -13.71 -18.57
CA LEU B 96 -20.13 -12.70 -18.32
C LEU B 96 -19.41 -12.37 -19.62
N ASP B 97 -20.19 -12.09 -20.67
CA ASP B 97 -19.63 -11.74 -21.98
C ASP B 97 -19.10 -10.31 -21.83
N ARG B 98 -17.88 -10.07 -22.31
CA ARG B 98 -17.27 -8.75 -22.19
C ARG B 98 -17.08 -8.42 -20.69
N ASP B 99 -16.37 -9.33 -20.01
CA ASP B 99 -16.10 -9.18 -18.58
C ASP B 99 -14.89 -8.28 -18.48
N ILE B 100 -15.13 -6.97 -18.45
CA ILE B 100 -14.05 -6.01 -18.40
C ILE B 100 -14.52 -4.70 -17.79
N ALA B 101 -13.57 -3.99 -17.18
CA ALA B 101 -13.85 -2.70 -16.54
C ALA B 101 -12.54 -1.95 -16.35
N LEU B 102 -12.58 -0.64 -16.60
CA LEU B 102 -11.40 0.21 -16.45
C LEU B 102 -11.53 1.08 -15.21
N MET B 103 -10.44 1.26 -14.47
CA MET B 103 -10.52 2.10 -13.30
C MET B 103 -9.51 3.20 -13.48
N LYS B 104 -9.92 4.41 -13.10
CA LYS B 104 -9.10 5.60 -13.23
C LYS B 104 -8.62 6.02 -11.86
N LEU B 105 -7.31 5.94 -11.64
CA LEU B 105 -6.75 6.32 -10.35
C LEU B 105 -6.97 7.81 -10.11
N LYS B 106 -7.21 8.18 -8.86
CA LYS B 106 -7.44 9.57 -8.51
C LYS B 106 -6.21 10.45 -8.79
N LYS B 107 -5.03 9.85 -8.63
CA LYS B 107 -3.75 10.54 -8.87
C LYS B 107 -2.81 9.55 -9.52
N PRO B 108 -1.94 10.04 -10.41
CA PRO B 108 -0.96 9.21 -11.11
C PRO B 108 -0.03 8.53 -10.11
N VAL B 109 0.49 7.37 -10.50
CA VAL B 109 1.38 6.63 -9.64
C VAL B 109 2.77 6.57 -10.27
N ALA B 110 3.83 6.78 -9.47
CA ALA B 110 5.21 6.74 -9.96
C ALA B 110 5.63 5.29 -10.06
N PHE B 111 6.40 4.95 -11.09
CA PHE B 111 6.85 3.57 -11.25
C PHE B 111 8.08 3.29 -10.39
N SER B 112 8.37 2.01 -10.18
CA SER B 112 9.52 1.60 -9.38
C SER B 112 9.97 0.21 -9.84
N ASP B 113 10.82 -0.44 -9.05
CA ASP B 113 11.26 -1.77 -9.45
C ASP B 113 10.08 -2.72 -9.34
N TYR B 114 9.11 -2.34 -8.52
CA TYR B 114 7.92 -3.16 -8.25
C TYR B 114 6.67 -2.76 -9.01
N ILE B 115 6.62 -1.49 -9.40
CA ILE B 115 5.47 -0.94 -10.12
C ILE B 115 5.79 -0.51 -11.54
N HIS B 116 5.21 -1.24 -12.49
CA HIS B 116 5.40 -0.96 -13.90
C HIS B 116 4.17 -1.41 -14.71
N PRO B 117 3.90 -0.73 -15.83
CA PRO B 117 2.76 -1.03 -16.71
C PRO B 117 3.01 -2.18 -17.70
N VAL B 118 1.95 -2.90 -18.05
CA VAL B 118 2.03 -4.01 -18.99
C VAL B 118 1.51 -3.45 -20.32
N CYS B 119 1.92 -4.03 -21.45
CA CYS B 119 1.48 -3.53 -22.76
C CYS B 119 0.22 -4.20 -23.26
N LEU B 120 -0.61 -3.45 -23.98
CA LEU B 120 -1.83 -4.01 -24.53
C LEU B 120 -1.53 -4.48 -25.95
N PRO B 121 -2.14 -5.59 -26.37
CA PRO B 121 -1.94 -6.17 -27.71
C PRO B 121 -2.34 -5.29 -28.86
N ASP B 122 -1.58 -5.40 -29.94
CA ASP B 122 -1.88 -4.66 -31.13
C ASP B 122 -2.26 -5.70 -32.17
N ARG B 123 -2.72 -5.18 -33.28
CA ARG B 123 -3.17 -5.91 -34.44
C ARG B 123 -2.31 -7.15 -34.75
N GLU B 124 -1.01 -6.96 -34.93
CA GLU B 124 -0.14 -8.06 -35.25
C GLU B 124 0.25 -8.95 -34.08
N THR B 125 0.42 -8.35 -32.91
CA THR B 125 0.79 -9.11 -31.73
C THR B 125 -0.32 -10.08 -31.32
N ALA B 126 -1.56 -9.59 -31.38
CA ALA B 126 -2.71 -10.42 -31.03
C ALA B 126 -2.77 -11.59 -32.00
N ALA B 127 -2.70 -11.29 -33.31
CA ALA B 127 -2.76 -12.31 -34.35
C ALA B 127 -1.60 -13.31 -34.30
N SER B 128 -0.45 -12.84 -33.82
CA SER B 128 0.75 -13.65 -33.73
C SER B 128 0.86 -14.59 -32.51
N LEU B 129 0.52 -14.07 -31.32
CA LEU B 129 0.62 -14.82 -30.07
C LEU B 129 -0.58 -15.70 -29.65
N LEU B 130 -1.79 -15.27 -30.00
CA LEU B 130 -3.01 -16.02 -29.66
C LEU B 130 -3.22 -17.27 -30.50
N GLN B 131 -2.41 -18.29 -30.25
CA GLN B 131 -2.51 -19.54 -30.99
C GLN B 131 -2.59 -20.67 -29.97
N ALA B 132 -3.36 -21.70 -30.28
CA ALA B 132 -3.50 -22.84 -29.36
C ALA B 132 -2.12 -23.42 -29.11
N GLY B 133 -1.86 -23.88 -27.89
CA GLY B 133 -0.56 -24.45 -27.59
C GLY B 133 0.43 -23.45 -27.03
N TYR B 134 0.35 -22.20 -27.47
CA TYR B 134 1.25 -21.15 -26.98
C TYR B 134 0.90 -20.89 -25.53
N LYS B 135 1.92 -20.73 -24.69
CA LYS B 135 1.67 -20.50 -23.27
C LYS B 135 1.58 -19.06 -22.80
N GLY B 136 0.62 -18.84 -21.90
CA GLY B 136 0.41 -17.54 -21.32
C GLY B 136 0.76 -17.68 -19.85
N ARG B 137 0.57 -16.61 -19.09
CA ARG B 137 0.89 -16.66 -17.67
C ARG B 137 -0.14 -15.90 -16.86
N VAL B 138 -0.61 -16.53 -15.79
CA VAL B 138 -1.61 -15.90 -14.95
C VAL B 138 -1.02 -15.73 -13.57
N THR B 139 -1.35 -14.61 -12.94
CA THR B 139 -0.84 -14.33 -11.61
C THR B 139 -1.99 -13.89 -10.72
N GLY B 140 -1.92 -14.20 -9.43
CA GLY B 140 -3.00 -13.78 -8.56
C GLY B 140 -2.85 -14.22 -7.13
N TRP B 141 -3.62 -13.57 -6.25
CA TRP B 141 -3.58 -13.90 -4.84
C TRP B 141 -4.80 -14.74 -4.47
N GLY B 142 -5.53 -15.20 -5.50
CA GLY B 142 -6.71 -16.00 -5.29
C GLY B 142 -6.52 -17.34 -4.59
N ASN B 143 -7.62 -18.05 -4.38
CA ASN B 143 -7.61 -19.35 -3.70
C ASN B 143 -6.70 -20.39 -4.33
N LEU B 144 -6.16 -21.26 -3.49
CA LEU B 144 -5.26 -22.33 -3.92
C LEU B 144 -5.99 -23.65 -4.16
N LYS B 145 -7.29 -23.65 -3.90
CA LYS B 145 -8.16 -24.82 -4.06
C LYS B 145 -9.61 -24.36 -4.07
N GLU B 146 -10.53 -25.26 -4.41
CA GLU B 146 -11.94 -24.92 -4.36
C GLU B 146 -12.24 -24.82 -2.87
N THR B 147 -12.49 -23.60 -2.40
CA THR B 147 -12.74 -23.36 -0.99
C THR B 147 -14.19 -23.60 -0.51
N TRP B 148 -15.14 -23.70 -1.44
CA TRP B 148 -16.56 -23.90 -1.11
C TRP B 148 -16.95 -25.30 -0.64
N THR B 149 -15.98 -26.21 -0.65
CA THR B 149 -16.21 -27.57 -0.21
C THR B 149 -14.95 -28.07 0.47
N ALA B 150 -15.12 -28.92 1.49
CA ALA B 150 -13.99 -29.45 2.23
C ALA B 150 -12.89 -29.99 1.34
N ASN B 151 -11.67 -29.54 1.59
CA ASN B 151 -10.48 -29.97 0.84
C ASN B 151 -9.23 -29.75 1.67
N VAL B 152 -8.23 -30.61 1.46
CA VAL B 152 -6.97 -30.49 2.20
C VAL B 152 -6.09 -29.35 1.73
N GLY B 153 -5.39 -28.72 2.68
CA GLY B 153 -4.50 -27.63 2.32
C GLY B 153 -5.06 -26.24 2.57
N LYS B 154 -4.18 -25.26 2.51
CA LYS B 154 -4.56 -23.86 2.73
C LYS B 154 -5.43 -23.28 1.61
N GLY B 155 -6.22 -22.27 1.97
CA GLY B 155 -7.13 -21.63 1.02
C GLY B 155 -6.54 -20.57 0.12
N GLN B 156 -5.77 -19.65 0.70
CA GLN B 156 -5.12 -18.61 -0.07
C GLN B 156 -3.64 -18.51 0.33
N PRO B 157 -2.78 -18.13 -0.62
CA PRO B 157 -1.33 -17.99 -0.45
C PRO B 157 -0.91 -16.82 0.45
N SER B 158 0.39 -16.77 0.76
CA SER B 158 0.92 -15.68 1.58
C SER B 158 1.69 -14.76 0.63
N VAL B 159 1.96 -15.28 -0.57
CA VAL B 159 2.69 -14.55 -1.60
C VAL B 159 1.99 -14.68 -2.96
N LEU B 160 2.08 -13.64 -3.80
CA LEU B 160 1.46 -13.66 -5.13
C LEU B 160 1.84 -14.96 -5.84
N GLN B 161 0.87 -15.59 -6.51
CA GLN B 161 1.11 -16.87 -7.20
C GLN B 161 1.20 -16.68 -8.69
N VAL B 162 1.93 -17.59 -9.35
CA VAL B 162 2.11 -17.55 -10.80
C VAL B 162 1.97 -18.94 -11.40
N VAL B 163 1.33 -19.00 -12.58
CA VAL B 163 1.14 -20.26 -13.32
C VAL B 163 1.13 -19.99 -14.86
N ASN B 164 1.80 -20.86 -15.62
CA ASN B 164 1.88 -20.76 -17.10
C ASN B 164 0.89 -21.74 -17.72
N LEU B 165 -0.02 -21.25 -18.55
CA LEU B 165 -1.04 -22.11 -19.16
C LEU B 165 -1.15 -22.05 -20.68
N PRO B 166 -1.33 -23.22 -21.35
CA PRO B 166 -1.45 -23.26 -22.81
C PRO B 166 -2.82 -22.73 -23.25
N ILE B 167 -2.84 -22.03 -24.38
CA ILE B 167 -4.09 -21.50 -24.91
C ILE B 167 -4.82 -22.68 -25.57
N VAL B 168 -6.10 -22.85 -25.25
CA VAL B 168 -6.88 -23.95 -25.79
C VAL B 168 -7.71 -23.50 -26.99
N GLU B 169 -7.81 -24.37 -28.01
CA GLU B 169 -8.59 -24.10 -29.22
C GLU B 169 -10.09 -24.10 -28.90
N ARG B 170 -10.81 -23.13 -29.44
CA ARG B 170 -12.24 -22.95 -29.18
C ARG B 170 -13.05 -24.25 -29.07
N PRO B 171 -13.00 -25.10 -30.12
CA PRO B 171 -13.74 -26.37 -30.11
C PRO B 171 -13.61 -27.12 -28.78
N VAL B 172 -12.38 -27.31 -28.33
CA VAL B 172 -12.13 -28.00 -27.07
C VAL B 172 -12.74 -27.17 -25.93
N CYS B 173 -12.56 -25.85 -26.00
CA CYS B 173 -13.09 -24.96 -24.99
C CYS B 173 -14.59 -25.07 -24.91
N LYS B 174 -15.25 -24.93 -26.06
CA LYS B 174 -16.71 -24.99 -26.16
C LYS B 174 -17.38 -26.25 -25.59
N ASP B 175 -16.88 -27.41 -25.99
CA ASP B 175 -17.43 -28.69 -25.56
C ASP B 175 -17.02 -29.12 -24.18
N SER B 176 -16.31 -28.27 -23.46
CA SER B 176 -15.91 -28.61 -22.11
C SER B 176 -16.85 -27.94 -21.13
N THR B 177 -17.72 -27.06 -21.62
CA THR B 177 -18.64 -26.38 -20.75
C THR B 177 -20.03 -26.26 -21.37
N ARG B 178 -21.06 -26.22 -20.52
CA ARG B 178 -22.44 -26.08 -20.97
C ARG B 178 -22.76 -24.61 -20.99
N ILE B 179 -21.78 -23.81 -20.59
CA ILE B 179 -21.95 -22.37 -20.57
C ILE B 179 -21.67 -21.91 -22.00
N ARG B 180 -22.48 -20.97 -22.50
CA ARG B 180 -22.32 -20.45 -23.87
C ARG B 180 -21.10 -19.53 -24.00
N ILE B 181 -20.22 -19.88 -24.93
CA ILE B 181 -19.00 -19.10 -25.16
C ILE B 181 -19.13 -18.10 -26.31
N THR B 182 -18.43 -16.98 -26.22
CA THR B 182 -18.46 -15.99 -27.29
C THR B 182 -17.05 -15.68 -27.78
N ASP B 183 -16.96 -14.93 -28.86
CA ASP B 183 -15.65 -14.59 -29.42
C ASP B 183 -14.87 -13.69 -28.47
N ASN B 184 -15.58 -13.12 -27.50
CA ASN B 184 -14.97 -12.21 -26.53
C ASN B 184 -14.28 -12.87 -25.35
N MET B 185 -14.09 -14.18 -25.43
CA MET B 185 -13.40 -14.90 -24.37
C MET B 185 -12.57 -16.04 -24.95
N PHE B 186 -11.62 -16.55 -24.18
CA PHE B 186 -10.80 -17.67 -24.64
C PHE B 186 -10.48 -18.53 -23.42
N CYS B 187 -10.13 -19.79 -23.62
CA CYS B 187 -9.84 -20.64 -22.47
C CYS B 187 -8.41 -21.16 -22.53
N ALA B 188 -7.87 -21.53 -21.37
CA ALA B 188 -6.52 -22.02 -21.33
C ALA B 188 -6.30 -22.95 -20.18
N GLY B 189 -5.49 -23.97 -20.42
CA GLY B 189 -5.17 -24.95 -19.43
C GLY B 189 -4.61 -26.19 -20.08
N TYR B 190 -4.10 -27.10 -19.26
CA TYR B 190 -3.55 -28.32 -19.79
C TYR B 190 -4.71 -29.27 -20.01
N LYS B 191 -4.57 -30.13 -21.02
CA LYS B 191 -5.60 -31.09 -21.37
C LYS B 191 -5.44 -32.33 -20.49
N PRO B 192 -6.46 -33.20 -20.45
CA PRO B 192 -6.39 -34.41 -19.64
C PRO B 192 -5.17 -35.25 -20.00
N ASP B 193 -4.79 -35.23 -21.28
CA ASP B 193 -3.66 -36.02 -21.76
C ASP B 193 -2.30 -35.31 -21.77
N GLU B 194 -2.18 -34.19 -21.07
CA GLU B 194 -0.92 -33.48 -21.06
C GLU B 194 -0.11 -33.64 -19.76
N GLY B 195 -0.76 -34.14 -18.71
CA GLY B 195 -0.05 -34.36 -17.45
C GLY B 195 0.08 -33.22 -16.48
N LYS B 196 0.56 -32.06 -16.95
CA LYS B 196 0.71 -30.90 -16.08
C LYS B 196 -0.67 -30.32 -15.72
N ARG B 197 -0.73 -29.62 -14.58
CA ARG B 197 -1.97 -29.00 -14.09
C ARG B 197 -1.82 -27.48 -13.99
N GLY B 198 -2.80 -26.82 -13.37
CA GLY B 198 -2.76 -25.37 -13.24
C GLY B 198 -3.99 -24.66 -13.78
N ASP B 199 -4.47 -23.68 -13.01
CA ASP B 199 -5.64 -22.90 -13.39
C ASP B 199 -5.83 -21.77 -12.38
N ALA B 200 -6.66 -20.79 -12.74
CA ALA B 200 -6.95 -19.68 -11.86
C ALA B 200 -7.99 -20.22 -10.90
N CYS B 201 -8.56 -19.36 -10.07
CA CYS B 201 -9.59 -19.79 -9.14
C CYS B 201 -10.29 -18.54 -8.61
N GLU B 202 -11.28 -18.73 -7.75
CA GLU B 202 -12.02 -17.62 -7.18
C GLU B 202 -11.00 -16.66 -6.55
N GLY B 203 -11.32 -15.37 -6.56
CA GLY B 203 -10.39 -14.39 -6.00
C GLY B 203 -9.33 -13.97 -7.01
N ASP B 204 -9.18 -14.74 -8.09
CA ASP B 204 -8.19 -14.44 -9.12
C ASP B 204 -8.66 -13.53 -10.26
N SER B 205 -9.94 -13.31 -10.35
CA SER B 205 -10.51 -12.45 -11.37
C SER B 205 -9.85 -11.08 -11.48
N GLY B 206 -9.77 -10.56 -12.71
CA GLY B 206 -9.18 -9.26 -12.91
C GLY B 206 -7.71 -9.46 -13.17
N GLY B 207 -7.17 -10.48 -12.52
CA GLY B 207 -5.78 -10.80 -12.69
C GLY B 207 -5.50 -10.86 -14.19
N PRO B 208 -4.28 -10.58 -14.61
CA PRO B 208 -3.95 -10.61 -16.04
C PRO B 208 -3.38 -11.93 -16.55
N PHE B 209 -3.62 -12.17 -17.85
CA PHE B 209 -3.08 -13.33 -18.54
C PHE B 209 -2.14 -12.64 -19.53
N VAL B 210 -0.84 -12.78 -19.29
CA VAL B 210 0.18 -12.13 -20.10
C VAL B 210 1.08 -13.09 -20.88
N MET B 211 1.60 -12.59 -21.99
CA MET B 211 2.50 -13.33 -22.88
C MET B 211 3.62 -12.38 -23.27
N LYS B 212 4.81 -12.93 -23.49
CA LYS B 212 5.98 -12.15 -23.86
C LYS B 212 6.24 -12.24 -25.36
N SER B 213 6.35 -11.10 -26.03
CA SER B 213 6.61 -11.10 -27.47
C SER B 213 8.03 -11.55 -27.77
N PRO B 214 8.18 -12.60 -28.60
CA PRO B 214 9.52 -13.10 -28.94
C PRO B 214 10.21 -12.12 -29.87
N PHE B 215 9.44 -11.15 -30.37
CA PHE B 215 9.96 -10.14 -31.30
C PHE B 215 10.59 -8.98 -30.54
N ASN B 216 9.81 -8.25 -29.76
CA ASN B 216 10.35 -7.10 -29.03
C ASN B 216 10.67 -7.33 -27.56
N ASN B 217 10.45 -8.54 -27.06
CA ASN B 217 10.75 -8.85 -25.66
C ASN B 217 9.85 -8.12 -24.62
N ARG B 218 8.69 -7.61 -25.05
CA ARG B 218 7.78 -6.94 -24.13
C ARG B 218 6.62 -7.85 -23.75
N TRP B 219 6.11 -7.67 -22.54
CA TRP B 219 4.98 -8.47 -22.03
C TRP B 219 3.65 -7.80 -22.34
N TYR B 220 2.75 -8.56 -22.97
CA TYR B 220 1.44 -8.02 -23.30
C TYR B 220 0.35 -8.73 -22.52
N GLN B 221 -0.71 -8.00 -22.18
CA GLN B 221 -1.82 -8.62 -21.46
C GLN B 221 -2.83 -9.06 -22.50
N MET B 222 -2.86 -10.36 -22.76
CA MET B 222 -3.79 -10.92 -23.71
C MET B 222 -5.18 -11.11 -23.11
N GLY B 223 -5.25 -11.47 -21.82
CA GLY B 223 -6.53 -11.67 -21.17
C GLY B 223 -6.73 -11.20 -19.73
N ILE B 224 -7.96 -11.37 -19.25
CA ILE B 224 -8.39 -11.05 -17.88
C ILE B 224 -9.06 -12.30 -17.28
N VAL B 225 -8.66 -12.69 -16.07
CA VAL B 225 -9.28 -13.85 -15.47
C VAL B 225 -10.76 -13.52 -15.34
N SER B 226 -11.62 -14.35 -15.95
CA SER B 226 -13.06 -14.12 -15.90
C SER B 226 -13.88 -15.19 -15.16
N TRP B 227 -13.83 -16.44 -15.62
CA TRP B 227 -14.59 -17.48 -14.95
C TRP B 227 -14.07 -18.89 -15.24
N GLY B 228 -14.76 -19.87 -14.70
CA GLY B 228 -14.39 -21.25 -14.90
C GLY B 228 -15.32 -22.06 -14.02
N GLU B 229 -15.29 -23.38 -14.16
CA GLU B 229 -16.15 -24.23 -13.33
C GLU B 229 -15.31 -25.15 -12.45
N GLY B 230 -15.15 -24.71 -11.20
CA GLY B 230 -14.34 -25.42 -10.25
C GLY B 230 -12.98 -24.81 -10.47
N CYS B 231 -11.91 -25.45 -10.00
CA CYS B 231 -10.57 -24.94 -10.19
C CYS B 231 -9.64 -26.11 -10.49
N ASP B 232 -9.05 -26.10 -11.69
CA ASP B 232 -8.13 -27.15 -12.09
C ASP B 232 -8.80 -28.53 -12.14
N ARG B 233 -10.03 -28.58 -12.67
CA ARG B 233 -10.77 -29.83 -12.77
C ARG B 233 -10.53 -30.45 -14.14
N ASP B 234 -10.26 -31.76 -14.18
CA ASP B 234 -9.98 -32.46 -15.45
C ASP B 234 -11.01 -32.23 -16.55
N GLY B 235 -10.54 -31.89 -17.74
CA GLY B 235 -11.43 -31.65 -18.86
C GLY B 235 -12.09 -30.29 -18.78
N LYS B 236 -11.70 -29.49 -17.78
CA LYS B 236 -12.24 -28.16 -17.58
C LYS B 236 -11.19 -27.07 -17.80
N TYR B 237 -11.63 -25.93 -18.32
CA TYR B 237 -10.70 -24.84 -18.62
C TYR B 237 -11.13 -23.49 -18.08
N GLY B 238 -10.14 -22.67 -17.75
CA GLY B 238 -10.41 -21.35 -17.25
C GLY B 238 -10.73 -20.48 -18.44
N PHE B 239 -11.59 -19.48 -18.26
CA PHE B 239 -11.95 -18.58 -19.36
C PHE B 239 -11.56 -17.17 -19.04
N TYR B 240 -10.89 -16.52 -20.00
CA TYR B 240 -10.42 -15.16 -19.82
C TYR B 240 -11.02 -14.21 -20.83
N THR B 241 -11.24 -12.98 -20.38
CA THR B 241 -11.78 -11.93 -21.23
C THR B 241 -10.74 -11.65 -22.29
N HIS B 242 -11.17 -11.64 -23.54
CA HIS B 242 -10.30 -11.38 -24.69
C HIS B 242 -10.07 -9.85 -24.73
N VAL B 243 -8.87 -9.44 -24.32
CA VAL B 243 -8.53 -8.02 -24.26
C VAL B 243 -8.48 -7.33 -25.62
N PHE B 244 -7.82 -7.96 -26.58
CA PHE B 244 -7.71 -7.37 -27.90
C PHE B 244 -9.07 -7.09 -28.56
N ARG B 245 -9.96 -8.07 -28.55
CA ARG B 245 -11.26 -7.88 -29.17
C ARG B 245 -12.00 -6.66 -28.62
N LEU B 246 -11.72 -6.31 -27.37
CA LEU B 246 -12.39 -5.18 -26.73
C LEU B 246 -11.55 -3.90 -26.77
N LYS B 247 -10.45 -3.96 -27.50
CA LYS B 247 -9.52 -2.83 -27.66
C LYS B 247 -10.21 -1.51 -28.04
N LYS B 248 -11.17 -1.56 -28.96
CA LYS B 248 -11.85 -0.34 -29.38
C LYS B 248 -12.59 0.40 -28.27
N TRP B 249 -13.18 -0.34 -27.32
CA TRP B 249 -13.89 0.27 -26.19
C TRP B 249 -12.92 0.78 -25.15
N ILE B 250 -11.81 0.08 -24.99
CA ILE B 250 -10.81 0.52 -24.04
C ILE B 250 -10.30 1.87 -24.59
N GLN B 251 -9.74 1.85 -25.79
CA GLN B 251 -9.23 3.06 -26.43
C GLN B 251 -10.21 4.21 -26.25
N LYS B 252 -11.47 3.96 -26.61
CA LYS B 252 -12.52 4.97 -26.53
C LYS B 252 -12.73 5.68 -25.18
N VAL B 253 -12.58 4.98 -24.05
CA VAL B 253 -12.76 5.63 -22.74
C VAL B 253 -11.45 6.20 -22.26
N ILE B 254 -10.38 5.40 -22.39
CA ILE B 254 -9.03 5.80 -21.99
C ILE B 254 -8.73 7.18 -22.55
N ASP B 255 -8.91 7.31 -23.86
CA ASP B 255 -8.66 8.53 -24.62
C ASP B 255 -9.82 9.51 -24.68
N GLN B 256 -10.94 9.18 -24.06
CA GLN B 256 -12.12 10.04 -24.09
C GLN B 256 -11.94 11.46 -23.54
N PHE B 257 -11.41 11.56 -22.32
CA PHE B 257 -11.24 12.86 -21.69
C PHE B 257 -9.85 13.44 -21.62
N GLY B 258 -9.80 14.73 -21.91
CA GLY B 258 -8.58 15.51 -21.94
C GLY B 258 -7.67 15.50 -20.73
N GLU B 259 -6.41 15.25 -21.06
CA GLU B 259 -5.28 15.18 -20.15
C GLU B 259 -4.44 14.03 -20.68
N HIS C 1 41.62 13.18 17.04
CA HIS C 1 42.46 14.09 17.88
C HIS C 1 41.68 15.19 18.61
N PRO C 2 40.54 15.65 18.04
CA PRO C 2 39.75 16.69 18.69
C PRO C 2 39.37 16.37 20.14
N ILE C 3 38.08 16.15 20.36
CA ILE C 3 37.53 15.81 21.67
C ILE C 3 36.54 14.69 21.38
N CYS C 4 36.10 14.63 20.12
CA CYS C 4 35.16 13.64 19.65
C CYS C 4 35.87 12.51 18.90
N GLU C 5 35.06 11.62 18.34
CA GLU C 5 35.54 10.47 17.57
C GLU C 5 35.17 10.70 16.11
N VAL C 6 36.14 10.57 15.21
CA VAL C 6 35.87 10.77 13.78
C VAL C 6 36.00 9.43 13.03
N SER C 7 34.97 9.08 12.26
CA SER C 7 34.99 7.82 11.49
C SER C 7 34.53 7.98 10.04
N LYS C 8 34.09 6.89 9.42
CA LYS C 8 33.70 6.95 8.02
C LYS C 8 32.98 5.72 7.42
N VAL C 9 33.18 5.57 6.11
CA VAL C 9 32.66 4.51 5.23
C VAL C 9 31.91 5.20 4.07
N ALA C 10 32.50 5.13 2.88
CA ALA C 10 31.99 5.75 1.66
C ALA C 10 32.51 7.18 1.64
N SER C 11 31.70 8.12 1.16
CA SER C 11 32.11 9.51 1.14
C SER C 11 31.41 10.26 2.28
N HIS C 12 31.13 9.53 3.37
CA HIS C 12 30.47 10.15 4.53
C HIS C 12 31.37 10.18 5.76
N LEU C 13 31.24 11.24 6.54
CA LEU C 13 32.00 11.41 7.76
C LEU C 13 31.03 11.37 8.92
N GLU C 14 31.47 10.80 10.04
CA GLU C 14 30.62 10.70 11.21
C GLU C 14 31.40 11.04 12.49
N VAL C 15 31.06 12.17 13.10
CA VAL C 15 31.70 12.65 14.34
C VAL C 15 30.82 12.40 15.57
N ASN C 16 31.42 11.78 16.59
CA ASN C 16 30.72 11.45 17.84
C ASN C 16 31.22 12.21 19.08
N CYS C 17 30.49 13.24 19.51
CA CYS C 17 30.86 14.04 20.68
C CYS C 17 29.97 13.78 21.88
N ASP C 18 29.39 12.59 21.97
CA ASP C 18 28.51 12.24 23.08
C ASP C 18 29.16 12.30 24.45
N LYS C 19 28.37 12.64 25.46
CA LYS C 19 28.82 12.72 26.85
C LYS C 19 30.20 13.34 27.07
N ARG C 20 30.49 14.47 26.42
CA ARG C 20 31.78 15.12 26.58
C ARG C 20 31.69 16.47 27.27
N ASN C 21 30.68 16.63 28.11
CA ASN C 21 30.46 17.87 28.88
C ASN C 21 30.65 19.15 28.04
N LEU C 22 30.25 19.13 26.77
CA LEU C 22 30.41 20.29 25.92
C LEU C 22 29.28 21.30 26.15
N THR C 23 29.60 22.59 26.03
CA THR C 23 28.60 23.64 26.21
C THR C 23 28.43 24.41 24.90
N ALA C 24 29.18 23.96 23.90
CA ALA C 24 29.17 24.52 22.55
C ALA C 24 29.89 23.49 21.69
N LEU C 25 29.83 23.64 20.38
CA LEU C 25 30.45 22.67 19.47
C LEU C 25 31.98 22.72 19.34
N PRO C 26 32.64 21.58 19.61
CA PRO C 26 34.09 21.44 19.53
C PRO C 26 34.51 21.94 18.15
N PRO C 27 35.04 23.16 18.08
CA PRO C 27 35.48 23.81 16.84
C PRO C 27 36.37 23.01 15.90
N ASP C 28 36.20 23.32 14.63
CA ASP C 28 36.94 22.69 13.55
C ASP C 28 36.90 21.17 13.58
N LEU C 29 35.78 20.62 13.11
CA LEU C 29 35.62 19.18 12.99
C LEU C 29 35.65 19.00 11.48
N PRO C 30 35.96 17.79 10.98
CA PRO C 30 36.01 17.60 9.52
C PRO C 30 34.92 18.38 8.76
N LYS C 31 35.34 19.18 7.78
CA LYS C 31 34.40 19.98 6.99
C LYS C 31 33.41 19.09 6.22
N ASP C 32 33.82 17.85 6.00
CA ASP C 32 33.00 16.88 5.27
C ASP C 32 32.18 15.99 6.20
N THR C 33 31.91 16.44 7.42
CA THR C 33 31.14 15.62 8.35
C THR C 33 29.68 15.60 7.89
N THR C 34 29.11 14.39 7.84
CA THR C 34 27.72 14.21 7.43
C THR C 34 26.83 13.94 8.64
N ILE C 35 27.32 13.10 9.55
CA ILE C 35 26.59 12.76 10.76
C ILE C 35 27.27 13.47 11.94
N LEU C 36 26.49 14.05 12.84
CA LEU C 36 27.05 14.73 14.02
C LEU C 36 26.29 14.35 15.30
N HIS C 37 27.00 13.72 16.24
CA HIS C 37 26.39 13.32 17.50
C HIS C 37 26.84 14.17 18.69
N LEU C 38 25.95 15.04 19.17
CA LEU C 38 26.25 15.91 20.30
C LEU C 38 25.35 15.55 21.49
N SER C 39 24.97 14.29 21.55
CA SER C 39 24.08 13.81 22.61
C SER C 39 24.67 14.00 24.01
N GLU C 40 23.80 13.87 25.00
CA GLU C 40 24.15 14.00 26.40
C GLU C 40 25.21 15.05 26.81
N ASN C 41 25.24 16.20 26.13
CA ASN C 41 26.19 17.25 26.51
C ASN C 41 25.45 18.29 27.36
N LEU C 42 26.00 19.49 27.44
CA LEU C 42 25.38 20.54 28.23
C LEU C 42 25.06 21.75 27.35
N LEU C 43 24.25 21.53 26.34
CA LEU C 43 23.90 22.61 25.42
C LEU C 43 22.57 23.25 25.76
N TYR C 44 22.48 23.85 26.95
CA TYR C 44 21.28 24.52 27.42
C TYR C 44 20.74 25.44 26.31
N THR C 45 21.66 25.98 25.52
CA THR C 45 21.32 26.86 24.41
C THR C 45 22.25 26.45 23.28
N PHE C 46 21.76 26.51 22.05
CA PHE C 46 22.58 26.12 20.91
C PHE C 46 22.20 26.96 19.69
N SER C 47 23.18 27.23 18.83
CA SER C 47 22.94 28.01 17.61
C SER C 47 23.16 27.12 16.39
N LEU C 48 22.14 27.03 15.55
CA LEU C 48 22.21 26.22 14.34
C LEU C 48 23.31 26.79 13.46
N ALA C 49 23.27 28.11 13.32
CA ALA C 49 24.23 28.88 12.52
C ALA C 49 25.66 28.42 12.77
N THR C 50 25.90 27.89 13.97
CA THR C 50 27.23 27.43 14.35
C THR C 50 27.65 26.22 13.53
N LEU C 51 26.70 25.68 12.78
CA LEU C 51 26.96 24.51 11.94
C LEU C 51 26.99 24.90 10.47
N MET C 52 26.67 26.17 10.17
CA MET C 52 26.65 26.69 8.80
C MET C 52 27.65 25.97 7.90
N PRO C 53 28.92 25.83 8.35
CA PRO C 53 29.90 25.13 7.53
C PRO C 53 29.47 23.67 7.44
N TYR C 54 30.43 22.74 7.40
CA TYR C 54 30.11 21.31 7.33
C TYR C 54 28.89 21.10 6.40
N THR C 55 28.91 21.75 5.24
CA THR C 55 27.82 21.69 4.27
C THR C 55 27.37 20.29 3.85
N ARG C 56 27.98 19.26 4.42
CA ARG C 56 27.56 17.90 4.07
C ARG C 56 26.92 17.22 5.27
N LEU C 57 26.45 18.03 6.20
CA LEU C 57 25.80 17.53 7.42
C LEU C 57 24.36 17.18 7.09
N THR C 58 24.03 15.92 7.33
CA THR C 58 22.69 15.37 7.05
C THR C 58 21.93 14.93 8.29
N GLN C 59 22.64 14.37 9.27
CA GLN C 59 22.02 13.92 10.51
C GLN C 59 22.63 14.65 11.72
N LEU C 60 21.77 15.21 12.56
CA LEU C 60 22.21 15.95 13.74
C LEU C 60 21.51 15.43 14.98
N ASN C 61 22.31 15.01 15.97
CA ASN C 61 21.78 14.46 17.22
C ASN C 61 22.02 15.34 18.45
N LEU C 62 21.02 16.11 18.86
CA LEU C 62 21.14 16.97 20.03
C LEU C 62 20.23 16.51 21.16
N ASP C 63 20.10 15.21 21.32
CA ASP C 63 19.24 14.68 22.36
C ASP C 63 19.97 14.63 23.70
N ARG C 64 19.19 14.53 24.77
CA ARG C 64 19.73 14.42 26.11
C ARG C 64 20.80 15.43 26.53
N ALA C 65 20.75 16.64 25.98
CA ALA C 65 21.72 17.70 26.31
C ALA C 65 21.04 18.87 27.02
N GLU C 66 19.85 18.59 27.56
CA GLU C 66 19.04 19.56 28.27
C GLU C 66 19.02 20.95 27.64
N LEU C 67 18.62 20.97 26.38
CA LEU C 67 18.51 22.18 25.58
C LEU C 67 17.15 22.81 25.88
N THR C 68 17.14 24.12 26.06
CA THR C 68 15.90 24.81 26.34
C THR C 68 15.71 25.90 25.31
N LYS C 69 16.80 26.29 24.66
CA LYS C 69 16.73 27.32 23.63
C LYS C 69 17.54 26.97 22.41
N LEU C 70 16.86 26.76 21.29
CA LEU C 70 17.52 26.45 20.05
C LEU C 70 17.42 27.68 19.17
N GLN C 71 18.57 28.17 18.73
CA GLN C 71 18.59 29.34 17.88
C GLN C 71 18.67 28.88 16.45
N VAL C 72 17.53 28.98 15.78
CA VAL C 72 17.43 28.59 14.39
C VAL C 72 17.98 29.78 13.59
N ASP C 73 19.24 29.71 13.18
CA ASP C 73 19.83 30.80 12.43
C ASP C 73 20.16 30.42 11.00
N GLY C 74 21.37 29.89 10.80
CA GLY C 74 21.81 29.50 9.46
C GLY C 74 20.93 28.51 8.73
N THR C 75 21.52 27.82 7.75
CA THR C 75 20.78 26.85 6.98
C THR C 75 21.60 25.59 6.83
N LEU C 76 20.93 24.45 6.75
CA LEU C 76 21.59 23.16 6.59
C LEU C 76 20.79 22.43 5.51
N PRO C 77 20.82 22.95 4.27
CA PRO C 77 20.11 22.40 3.11
C PRO C 77 20.22 20.89 2.90
N VAL C 78 21.17 20.25 3.55
CA VAL C 78 21.34 18.81 3.40
C VAL C 78 21.00 18.06 4.70
N LEU C 79 20.61 18.79 5.73
CA LEU C 79 20.25 18.14 6.99
C LEU C 79 18.95 17.40 6.72
N GLY C 80 18.92 16.12 7.07
CA GLY C 80 17.72 15.32 6.86
C GLY C 80 17.08 14.83 8.14
N THR C 81 17.92 14.34 9.05
CA THR C 81 17.49 13.84 10.35
C THR C 81 17.84 14.86 11.43
N LEU C 82 16.92 15.01 12.40
CA LEU C 82 17.12 15.94 13.51
C LEU C 82 16.48 15.39 14.78
N ASP C 83 17.32 15.01 15.74
CA ASP C 83 16.84 14.48 17.01
C ASP C 83 17.03 15.51 18.11
N LEU C 84 15.91 16.02 18.65
CA LEU C 84 15.93 17.00 19.72
C LEU C 84 15.18 16.40 20.91
N SER C 85 15.08 15.07 20.93
CA SER C 85 14.35 14.39 21.99
C SER C 85 15.06 14.39 23.32
N HIS C 86 14.26 14.36 24.39
CA HIS C 86 14.78 14.33 25.75
C HIS C 86 15.52 15.61 26.11
N ASN C 87 14.82 16.72 25.94
CA ASN C 87 15.38 18.02 26.26
C ASN C 87 14.37 18.88 26.99
N GLN C 88 14.70 20.17 27.13
CA GLN C 88 13.85 21.12 27.85
C GLN C 88 13.16 22.18 27.00
N LEU C 89 12.83 21.86 25.76
CA LEU C 89 12.14 22.81 24.90
C LEU C 89 10.72 23.00 25.41
N GLN C 90 10.26 24.25 25.46
CA GLN C 90 8.91 24.56 25.94
C GLN C 90 8.05 25.07 24.80
N SER C 91 8.71 25.44 23.71
CA SER C 91 8.06 25.95 22.51
C SER C 91 8.74 25.26 21.33
N LEU C 92 7.95 24.84 20.34
CA LEU C 92 8.50 24.16 19.18
C LEU C 92 9.27 25.09 18.26
N PRO C 93 10.53 24.73 17.95
CA PRO C 93 11.40 25.53 17.07
C PRO C 93 10.92 25.57 15.61
N LEU C 94 10.80 26.78 15.04
CA LEU C 94 10.36 26.94 13.65
C LEU C 94 11.49 26.65 12.67
N LEU C 95 11.58 25.40 12.22
CA LEU C 95 12.63 24.93 11.32
C LEU C 95 12.31 24.96 9.82
N GLY C 96 11.15 25.50 9.46
CA GLY C 96 10.78 25.54 8.06
C GLY C 96 11.84 26.07 7.10
N GLN C 97 11.97 27.40 7.06
CA GLN C 97 12.93 28.06 6.19
C GLN C 97 14.40 27.71 6.44
N THR C 98 14.69 26.98 7.51
CA THR C 98 16.06 26.63 7.84
C THR C 98 16.53 25.22 7.46
N LEU C 99 15.64 24.24 7.55
CA LEU C 99 16.02 22.87 7.21
C LEU C 99 15.09 22.29 6.17
N PRO C 100 15.16 22.82 4.93
CA PRO C 100 14.32 22.39 3.81
C PRO C 100 14.42 20.90 3.46
N ALA C 101 15.60 20.31 3.67
CA ALA C 101 15.82 18.90 3.36
C ALA C 101 15.47 17.92 4.47
N LEU C 102 14.97 18.44 5.57
CA LEU C 102 14.61 17.61 6.72
C LEU C 102 13.52 16.62 6.34
N THR C 103 13.63 15.39 6.83
CA THR C 103 12.63 14.39 6.54
C THR C 103 12.20 13.69 7.82
N VAL C 104 13.04 13.76 8.85
CA VAL C 104 12.75 13.15 10.14
C VAL C 104 12.98 14.16 11.27
N LEU C 105 11.96 14.42 12.07
CA LEU C 105 12.04 15.37 13.17
C LEU C 105 11.51 14.78 14.47
N ASP C 106 12.41 14.57 15.43
CA ASP C 106 12.02 14.00 16.71
C ASP C 106 12.17 15.02 17.82
N VAL C 107 11.05 15.60 18.28
CA VAL C 107 11.05 16.57 19.38
C VAL C 107 10.31 15.88 20.53
N SER C 108 10.56 14.58 20.63
CA SER C 108 9.95 13.74 21.65
C SER C 108 10.51 14.08 23.03
N PHE C 109 9.68 13.88 24.05
CA PHE C 109 10.02 14.14 25.44
C PHE C 109 10.63 15.51 25.74
N ASN C 110 9.87 16.57 25.53
CA ASN C 110 10.34 17.91 25.83
C ASN C 110 9.27 18.52 26.72
N ARG C 111 9.05 19.82 26.62
CA ARG C 111 8.04 20.46 27.46
C ARG C 111 7.08 21.30 26.65
N LEU C 112 6.69 20.74 25.51
CA LEU C 112 5.75 21.38 24.60
C LEU C 112 4.39 21.24 25.22
N THR C 113 3.60 22.30 25.17
CA THR C 113 2.26 22.26 25.72
C THR C 113 1.22 22.57 24.65
N SER C 114 1.71 23.08 23.52
CA SER C 114 0.86 23.44 22.39
C SER C 114 1.76 23.65 21.18
N LEU C 115 1.15 23.73 20.00
CA LEU C 115 1.92 23.95 18.79
C LEU C 115 1.55 25.26 18.13
N PRO C 116 2.58 25.99 17.63
CA PRO C 116 2.38 27.28 16.96
C PRO C 116 1.39 27.14 15.82
N LEU C 117 1.02 28.26 15.22
CA LEU C 117 0.06 28.25 14.11
C LEU C 117 0.65 27.59 12.87
N GLY C 118 1.71 28.20 12.33
CA GLY C 118 2.35 27.65 11.15
C GLY C 118 3.53 26.80 11.58
N ALA C 119 3.34 26.07 12.68
CA ALA C 119 4.37 25.20 13.24
C ALA C 119 5.34 24.56 12.25
N LEU C 120 4.81 23.74 11.33
CA LEU C 120 5.62 23.05 10.34
C LEU C 120 5.67 23.74 8.99
N ARG C 121 5.02 24.89 8.91
CA ARG C 121 4.99 25.67 7.68
C ARG C 121 6.40 25.72 7.12
N GLY C 122 6.60 25.11 5.95
CA GLY C 122 7.94 25.13 5.38
C GLY C 122 8.54 23.77 5.18
N LEU C 123 8.49 22.93 6.20
CA LEU C 123 9.08 21.58 6.06
C LEU C 123 8.22 20.57 5.33
N GLY C 124 7.52 21.03 4.31
CA GLY C 124 6.65 20.17 3.53
C GLY C 124 7.16 18.83 3.03
N GLU C 125 8.47 18.66 2.99
CA GLU C 125 9.05 17.41 2.49
C GLU C 125 9.59 16.57 3.64
N LEU C 126 8.74 16.45 4.66
CA LEU C 126 9.00 15.72 5.90
C LEU C 126 8.33 14.34 5.87
N GLN C 127 8.99 13.34 6.45
CA GLN C 127 8.45 11.98 6.47
C GLN C 127 8.06 11.42 7.85
N GLU C 128 8.79 11.80 8.89
CA GLU C 128 8.50 11.33 10.25
C GLU C 128 8.53 12.45 11.30
N LEU C 129 7.49 12.50 12.12
CA LEU C 129 7.37 13.51 13.18
C LEU C 129 7.16 12.83 14.54
N TYR C 130 8.06 13.07 15.48
CA TYR C 130 7.94 12.47 16.80
C TYR C 130 7.72 13.49 17.89
N LEU C 131 6.56 13.44 18.54
CA LEU C 131 6.22 14.38 19.61
C LEU C 131 5.77 13.64 20.85
N LYS C 132 6.07 12.35 20.91
CA LYS C 132 5.73 11.51 22.04
C LYS C 132 6.32 12.10 23.32
N GLY C 133 5.61 11.97 24.44
CA GLY C 133 6.15 12.46 25.69
C GLY C 133 6.08 13.93 26.05
N ASN C 134 5.30 14.72 25.34
CA ASN C 134 5.19 16.14 25.69
C ASN C 134 3.86 16.31 26.41
N GLU C 135 3.39 17.54 26.56
CA GLU C 135 2.13 17.73 27.25
C GLU C 135 1.10 18.49 26.43
N LEU C 136 1.10 18.21 25.14
CA LEU C 136 0.17 18.84 24.22
C LEU C 136 -1.26 18.46 24.62
N LYS C 137 -2.17 19.41 24.52
CA LYS C 137 -3.57 19.18 24.88
C LYS C 137 -4.49 19.21 23.67
N THR C 138 -4.13 20.03 22.70
CA THR C 138 -4.92 20.18 21.48
C THR C 138 -4.04 20.49 20.27
N LEU C 139 -4.51 20.09 19.08
CA LEU C 139 -3.77 20.29 17.85
C LEU C 139 -4.41 21.30 16.88
N PRO C 140 -3.57 22.04 16.14
CA PRO C 140 -3.98 23.05 15.16
C PRO C 140 -4.56 22.47 13.88
N PRO C 141 -5.60 23.10 13.34
CA PRO C 141 -6.18 22.59 12.10
C PRO C 141 -5.13 22.92 11.02
N GLY C 142 -4.60 21.90 10.35
CA GLY C 142 -3.61 22.14 9.30
C GLY C 142 -2.20 21.98 9.82
N LEU C 143 -2.08 21.31 10.95
CA LEU C 143 -0.77 21.11 11.53
C LEU C 143 0.09 20.30 10.56
N LEU C 144 -0.54 19.38 9.84
CA LEU C 144 0.19 18.53 8.90
C LEU C 144 0.06 18.99 7.46
N THR C 145 -0.81 19.97 7.23
CA THR C 145 -1.02 20.52 5.90
C THR C 145 0.30 20.71 5.19
N PRO C 146 1.26 21.39 5.84
CA PRO C 146 2.55 21.61 5.19
C PRO C 146 3.35 20.34 4.92
N THR C 147 2.98 19.23 5.56
CA THR C 147 3.68 17.95 5.43
C THR C 147 2.88 16.81 4.80
N PRO C 148 2.48 16.95 3.53
CA PRO C 148 1.70 15.91 2.84
C PRO C 148 2.38 14.57 2.67
N LYS C 149 3.71 14.56 2.71
CA LYS C 149 4.47 13.32 2.52
C LYS C 149 4.68 12.51 3.79
N LEU C 150 4.13 13.00 4.90
CA LEU C 150 4.28 12.34 6.19
C LEU C 150 3.91 10.87 6.14
N GLU C 151 4.79 10.01 6.69
CA GLU C 151 4.58 8.58 6.74
C GLU C 151 4.36 8.07 8.17
N LYS C 152 5.00 8.71 9.14
CA LYS C 152 4.86 8.34 10.57
C LYS C 152 4.60 9.55 11.46
N LEU C 153 3.65 9.42 12.37
CA LEU C 153 3.30 10.49 13.30
C LEU C 153 3.10 9.96 14.72
N SER C 154 3.96 10.39 15.65
CA SER C 154 3.90 9.94 17.04
C SER C 154 3.43 11.03 18.01
N LEU C 155 2.26 10.80 18.61
CA LEU C 155 1.67 11.73 19.58
C LEU C 155 1.29 10.99 20.85
N ALA C 156 2.02 9.91 21.11
CA ALA C 156 1.77 9.10 22.30
C ALA C 156 2.27 9.84 23.52
N ASN C 157 1.73 9.43 24.67
CA ASN C 157 2.10 10.02 25.94
C ASN C 157 2.09 11.58 25.98
N ASN C 158 0.92 12.19 25.72
CA ASN C 158 0.72 13.65 25.72
C ASN C 158 -0.55 13.86 26.58
N ASN C 159 -1.12 15.06 26.68
CA ASN C 159 -2.36 15.18 27.49
C ASN C 159 -3.57 15.53 26.53
N LEU C 160 -3.54 14.98 25.31
CA LEU C 160 -4.61 15.26 24.31
C LEU C 160 -5.96 14.75 24.80
N THR C 161 -7.00 15.55 24.61
CA THR C 161 -8.35 15.17 25.02
C THR C 161 -9.21 14.99 23.77
N GLU C 162 -8.92 15.78 22.75
CA GLU C 162 -9.66 15.69 21.52
C GLU C 162 -8.81 16.09 20.33
N LEU C 163 -8.97 15.33 19.25
CA LEU C 163 -8.23 15.53 18.00
C LEU C 163 -9.04 16.31 16.95
N PRO C 164 -8.35 17.13 16.12
CA PRO C 164 -8.97 17.94 15.05
C PRO C 164 -9.58 17.02 14.02
N ALA C 165 -10.90 17.07 13.88
CA ALA C 165 -11.63 16.23 12.93
C ALA C 165 -10.88 15.99 11.63
N GLY C 166 -10.26 17.05 11.10
CA GLY C 166 -9.53 16.91 9.85
C GLY C 166 -8.01 16.95 9.99
N LEU C 167 -7.49 16.35 11.06
CA LEU C 167 -6.04 16.34 11.27
C LEU C 167 -5.35 15.63 10.12
N LEU C 168 -5.83 14.42 9.83
CA LEU C 168 -5.25 13.57 8.80
C LEU C 168 -5.52 13.90 7.34
N ASN C 169 -6.01 15.09 7.06
CA ASN C 169 -6.29 15.46 5.67
C ASN C 169 -5.01 15.50 4.85
N GLY C 170 -5.08 14.87 3.68
CA GLY C 170 -3.93 14.79 2.80
C GLY C 170 -3.25 13.50 3.19
N LEU C 171 -2.08 13.62 3.81
CA LEU C 171 -1.31 12.48 4.28
C LEU C 171 -1.60 11.13 3.60
N GLU C 172 -1.50 11.09 2.28
CA GLU C 172 -1.76 9.85 1.57
C GLU C 172 -0.81 8.70 1.93
N ASN C 173 0.42 9.04 2.29
CA ASN C 173 1.42 8.02 2.63
C ASN C 173 1.53 7.58 4.09
N LEU C 174 0.76 8.21 4.97
CA LEU C 174 0.76 7.86 6.40
C LEU C 174 0.48 6.38 6.63
N ASP C 175 1.34 5.71 7.39
CA ASP C 175 1.15 4.30 7.69
C ASP C 175 1.21 3.95 9.19
N THR C 176 1.85 4.79 9.99
CA THR C 176 1.93 4.53 11.44
C THR C 176 1.37 5.75 12.20
N LEU C 177 0.48 5.49 13.15
CA LEU C 177 -0.12 6.55 13.95
C LEU C 177 -0.16 6.14 15.41
N LEU C 178 0.66 6.79 16.22
CA LEU C 178 0.73 6.47 17.64
C LEU C 178 -0.03 7.50 18.46
N LEU C 179 -1.06 7.06 19.17
CA LEU C 179 -1.83 7.97 19.99
C LEU C 179 -2.08 7.35 21.35
N GLN C 180 -1.42 6.24 21.61
CA GLN C 180 -1.59 5.56 22.88
C GLN C 180 -1.28 6.49 24.06
N GLU C 181 -1.74 6.10 25.23
CA GLU C 181 -1.50 6.81 26.48
C GLU C 181 -1.84 8.31 26.51
N ASN C 182 -3.02 8.68 26.04
CA ASN C 182 -3.41 10.08 26.08
C ASN C 182 -4.62 10.23 27.00
N SER C 183 -5.46 11.21 26.70
CA SER C 183 -6.64 11.43 27.50
C SER C 183 -7.79 11.57 26.51
N LEU C 184 -7.77 10.74 25.49
CA LEU C 184 -8.81 10.78 24.46
C LEU C 184 -10.03 9.98 24.87
N TYR C 185 -11.21 10.50 24.55
CA TYR C 185 -12.44 9.78 24.89
C TYR C 185 -13.28 9.49 23.65
N THR C 186 -13.03 10.22 22.56
CA THR C 186 -13.78 10.00 21.32
C THR C 186 -13.04 10.46 20.06
N ILE C 187 -13.45 9.89 18.93
CA ILE C 187 -12.87 10.21 17.63
C ILE C 187 -13.86 10.98 16.76
N PRO C 188 -13.41 12.11 16.18
CA PRO C 188 -14.26 12.94 15.32
C PRO C 188 -14.93 12.16 14.20
N LYS C 189 -15.85 12.82 13.51
CA LYS C 189 -16.61 12.23 12.40
C LYS C 189 -15.77 11.33 11.50
N GLY C 190 -15.29 11.86 10.39
CA GLY C 190 -14.49 11.04 9.51
C GLY C 190 -13.03 11.32 9.76
N PHE C 191 -12.55 10.98 10.96
CA PHE C 191 -11.17 11.24 11.31
C PHE C 191 -10.10 10.49 10.51
N PHE C 192 -10.27 9.18 10.30
CA PHE C 192 -9.29 8.37 9.56
C PHE C 192 -9.43 8.47 8.05
N GLY C 193 -10.49 9.13 7.60
CA GLY C 193 -10.69 9.27 6.17
C GLY C 193 -10.70 7.93 5.46
N SER C 194 -10.53 7.98 4.15
CA SER C 194 -10.54 6.79 3.32
C SER C 194 -9.22 6.02 3.32
N HIS C 195 -8.15 6.65 3.81
CA HIS C 195 -6.83 6.05 3.86
C HIS C 195 -6.68 4.80 4.72
N LEU C 196 -5.78 3.92 4.29
CA LEU C 196 -5.50 2.67 5.00
C LEU C 196 -4.34 2.84 5.96
N LEU C 197 -4.59 2.53 7.22
CA LEU C 197 -3.56 2.68 8.24
C LEU C 197 -3.06 1.33 8.73
N PRO C 198 -1.86 0.92 8.26
CA PRO C 198 -1.21 -0.35 8.61
C PRO C 198 -0.94 -0.55 10.11
N PHE C 199 -0.45 0.50 10.76
CA PHE C 199 -0.13 0.43 12.19
C PHE C 199 -0.67 1.59 13.04
N ALA C 200 -1.69 1.29 13.85
CA ALA C 200 -2.26 2.31 14.69
C ALA C 200 -2.22 1.84 16.14
N PHE C 201 -1.94 2.76 17.05
CA PHE C 201 -1.87 2.45 18.46
C PHE C 201 -2.78 3.42 19.20
N LEU C 202 -3.88 2.91 19.72
CA LEU C 202 -4.85 3.76 20.40
C LEU C 202 -5.09 3.38 21.85
N HIS C 203 -4.41 2.35 22.33
CA HIS C 203 -4.57 1.87 23.72
C HIS C 203 -4.12 2.89 24.77
N GLY C 204 -4.55 2.66 26.01
CA GLY C 204 -4.17 3.57 27.09
C GLY C 204 -4.91 4.89 27.04
N ASN C 205 -6.18 4.85 26.65
CA ASN C 205 -6.99 6.07 26.59
C ASN C 205 -8.32 5.78 27.26
N PRO C 206 -8.98 6.82 27.80
CA PRO C 206 -10.29 6.70 28.48
C PRO C 206 -11.45 6.92 27.50
N TRP C 207 -11.64 5.98 26.58
CA TRP C 207 -12.68 6.08 25.57
C TRP C 207 -14.10 6.06 26.15
N LEU C 208 -14.81 7.17 25.99
CA LEU C 208 -16.18 7.27 26.47
C LEU C 208 -17.08 6.62 25.44
N CYS C 209 -17.54 5.42 25.74
CA CYS C 209 -18.39 4.66 24.83
C CYS C 209 -19.88 5.02 24.91
N ASN C 210 -20.29 5.93 24.02
CA ASN C 210 -21.67 6.36 23.95
C ASN C 210 -22.19 6.23 22.52
N CYS C 211 -22.93 7.23 22.04
CA CYS C 211 -23.49 7.20 20.69
C CYS C 211 -22.64 7.87 19.63
N GLU C 212 -21.62 8.61 20.06
CA GLU C 212 -20.75 9.27 19.12
C GLU C 212 -19.38 8.62 19.14
N ILE C 213 -19.35 7.39 19.62
CA ILE C 213 -18.13 6.61 19.66
C ILE C 213 -18.36 5.47 18.67
N LEU C 214 -19.39 5.62 17.82
CA LEU C 214 -19.73 4.61 16.82
C LEU C 214 -18.83 4.63 15.58
N TYR C 215 -18.51 5.82 15.08
CA TYR C 215 -17.64 5.92 13.91
C TYR C 215 -16.39 5.11 14.21
N PHE C 216 -15.75 5.47 15.32
CA PHE C 216 -14.54 4.83 15.78
C PHE C 216 -14.81 3.39 16.14
N ARG C 217 -16.09 3.06 16.29
CA ARG C 217 -16.51 1.71 16.64
C ARG C 217 -16.32 0.76 15.47
N ARG C 218 -16.89 1.13 14.33
CA ARG C 218 -16.77 0.30 13.14
C ARG C 218 -15.33 0.37 12.61
N TRP C 219 -14.72 1.55 12.67
CA TRP C 219 -13.34 1.69 12.18
C TRP C 219 -12.45 0.64 12.82
N LEU C 220 -12.60 0.48 14.15
CA LEU C 220 -11.82 -0.51 14.89
C LEU C 220 -12.15 -1.89 14.35
N GLN C 221 -13.42 -2.09 14.01
CA GLN C 221 -13.88 -3.34 13.46
C GLN C 221 -13.16 -3.62 12.14
N ASP C 222 -13.24 -2.70 11.18
CA ASP C 222 -12.58 -2.90 9.90
C ASP C 222 -11.08 -3.05 10.06
N ASN C 223 -10.47 -2.12 10.79
CA ASN C 223 -9.02 -2.13 11.01
C ASN C 223 -8.57 -2.91 12.22
N ALA C 224 -9.36 -3.90 12.64
CA ALA C 224 -9.00 -4.70 13.79
C ALA C 224 -7.58 -5.25 13.67
N GLU C 225 -7.21 -5.66 12.46
CA GLU C 225 -5.89 -6.22 12.24
C GLU C 225 -4.76 -5.19 12.15
N ASN C 226 -5.12 -3.92 12.22
CA ASN C 226 -4.13 -2.85 12.14
C ASN C 226 -3.85 -2.16 13.49
N VAL C 227 -4.59 -2.55 14.52
CA VAL C 227 -4.38 -1.95 15.82
C VAL C 227 -3.39 -2.76 16.63
N TYR C 228 -2.31 -2.12 17.05
CA TYR C 228 -1.29 -2.80 17.84
C TYR C 228 -1.07 -2.12 19.19
N VAL C 229 -0.28 -2.77 20.04
CA VAL C 229 0.04 -2.25 21.36
C VAL C 229 1.53 -2.05 21.44
N TRP C 230 1.93 -0.79 21.63
CA TRP C 230 3.34 -0.45 21.71
C TRP C 230 4.03 -1.05 22.94
N LYS C 231 5.19 -1.65 22.69
CA LYS C 231 5.98 -2.26 23.75
C LYS C 231 7.31 -1.53 23.90
N GLN C 232 8.05 -1.43 22.79
CA GLN C 232 9.32 -0.72 22.78
C GLN C 232 10.00 -0.87 21.42
N GLY C 233 11.22 -0.35 21.28
CA GLY C 233 11.94 -0.43 20.01
C GLY C 233 12.45 -1.81 19.65
N VAL C 234 12.92 -1.97 18.41
CA VAL C 234 13.47 -3.24 17.89
C VAL C 234 12.39 -4.33 17.76
N ASP C 235 11.27 -4.15 18.45
CA ASP C 235 10.19 -5.12 18.41
C ASP C 235 9.51 -5.24 17.06
N VAL C 236 9.53 -4.15 16.28
CA VAL C 236 8.88 -4.11 14.97
C VAL C 236 7.40 -4.45 15.21
N LYS C 237 6.60 -3.44 15.55
CA LYS C 237 5.19 -3.63 15.85
C LYS C 237 4.39 -4.20 14.69
N ALA C 238 4.90 -5.32 14.19
CA ALA C 238 4.32 -6.07 13.08
C ALA C 238 4.11 -7.49 13.64
N MET C 239 4.16 -7.58 14.97
CA MET C 239 3.99 -8.85 15.66
C MET C 239 2.64 -8.89 16.38
N THR C 240 1.78 -9.80 15.91
CA THR C 240 0.44 -10.01 16.44
C THR C 240 -0.38 -8.73 16.70
N SER C 241 -1.40 -8.49 15.87
CA SER C 241 -2.25 -7.31 16.03
C SER C 241 -3.02 -7.49 17.32
N ASN C 242 -3.81 -6.49 17.71
CA ASN C 242 -4.58 -6.58 18.95
C ASN C 242 -5.57 -5.42 19.12
N VAL C 243 -6.69 -5.51 18.39
CA VAL C 243 -7.72 -4.47 18.44
C VAL C 243 -8.43 -4.37 19.79
N ALA C 244 -8.30 -5.40 20.62
CA ALA C 244 -8.95 -5.39 21.94
C ALA C 244 -8.26 -4.46 22.94
N SER C 245 -7.08 -3.97 22.55
CA SER C 245 -6.28 -3.07 23.39
C SER C 245 -6.95 -1.71 23.58
N VAL C 246 -7.89 -1.40 22.69
CA VAL C 246 -8.61 -0.14 22.80
C VAL C 246 -9.84 -0.47 23.62
N GLN C 247 -9.88 0.03 24.86
CA GLN C 247 -10.99 -0.28 25.75
C GLN C 247 -11.79 0.94 26.21
N CYS C 248 -13.07 0.70 26.49
CA CYS C 248 -14.01 1.73 26.95
C CYS C 248 -13.64 2.28 28.31
N ASP C 249 -13.50 3.60 28.40
CA ASP C 249 -13.14 4.23 29.65
C ASP C 249 -11.82 3.65 30.14
N ASN C 250 -11.07 3.07 29.20
CA ASN C 250 -9.78 2.44 29.46
C ASN C 250 -10.02 1.21 30.31
N SER C 251 -11.30 0.96 30.59
CA SER C 251 -11.74 -0.17 31.39
C SER C 251 -11.46 -1.50 30.70
N ASP C 252 -10.60 -2.31 31.31
CA ASP C 252 -10.20 -3.63 30.78
C ASP C 252 -11.19 -4.30 29.82
N LYS C 253 -11.99 -5.20 30.40
CA LYS C 253 -12.97 -5.99 29.65
C LYS C 253 -13.98 -5.23 28.81
N PHE C 254 -13.70 -3.97 28.48
CA PHE C 254 -14.66 -3.20 27.67
C PHE C 254 -14.15 -2.71 26.32
N PRO C 255 -13.68 -3.64 25.47
CA PRO C 255 -13.18 -3.31 24.14
C PRO C 255 -14.20 -2.49 23.35
N VAL C 256 -13.77 -1.39 22.77
CA VAL C 256 -14.64 -0.51 22.01
C VAL C 256 -15.16 -1.21 20.76
N TYR C 257 -14.39 -2.17 20.25
CA TYR C 257 -14.79 -2.88 19.04
C TYR C 257 -15.84 -3.93 19.34
N LYS C 258 -16.45 -3.84 20.52
CA LYS C 258 -17.51 -4.76 20.94
C LYS C 258 -18.53 -4.06 21.83
N TYR C 259 -18.91 -2.84 21.45
CA TYR C 259 -19.87 -2.05 22.22
C TYR C 259 -21.15 -1.73 21.45
N PRO C 260 -22.25 -2.44 21.75
CA PRO C 260 -23.55 -2.22 21.09
C PRO C 260 -24.12 -0.84 21.44
N GLY C 261 -24.30 0.00 20.43
CA GLY C 261 -24.83 1.33 20.65
C GLY C 261 -26.25 1.38 21.18
N LYS C 262 -26.77 0.24 21.64
CA LYS C 262 -28.12 0.14 22.18
C LYS C 262 -29.11 1.16 21.60
N GLY C 263 -29.48 2.15 22.41
CA GLY C 263 -30.42 3.14 21.93
C GLY C 263 -29.78 4.32 21.26
N CYS C 264 -29.11 4.10 20.12
CA CYS C 264 -28.48 5.20 19.42
C CYS C 264 -29.17 5.51 18.10
N PRO C 265 -29.08 6.77 17.64
CA PRO C 265 -29.71 7.21 16.40
C PRO C 265 -29.28 6.41 15.16
N THR C 266 -29.94 6.69 14.05
CA THR C 266 -29.70 6.03 12.76
C THR C 266 -29.27 4.58 12.94
N LEU C 267 -30.21 3.68 12.71
CA LEU C 267 -29.98 2.25 12.84
C LEU C 267 -29.18 1.67 11.66
N GLY C 268 -28.56 2.53 10.86
CA GLY C 268 -27.80 2.05 9.72
C GLY C 268 -26.92 3.07 9.02
N ASP C 269 -25.74 3.32 9.59
CA ASP C 269 -24.78 4.26 9.01
C ASP C 269 -23.39 4.00 9.59
N GLU C 270 -23.32 3.95 10.91
CA GLU C 270 -22.08 3.71 11.64
C GLU C 270 -22.06 2.29 12.22
N GLY C 271 -21.16 1.46 11.72
CA GLY C 271 -21.05 0.09 12.19
C GLY C 271 -22.23 -0.72 11.71
N ASP C 272 -22.58 -0.55 10.44
CA ASP C 272 -23.71 -1.24 9.84
C ASP C 272 -23.33 -2.50 9.07
N THR C 273 -22.07 -2.91 9.17
CA THR C 273 -21.59 -4.10 8.45
C THR C 273 -21.65 -5.39 9.29
N ASP C 274 -20.76 -6.34 9.01
CA ASP C 274 -20.74 -7.64 9.69
C ASP C 274 -22.02 -8.36 9.28
N LEU C 275 -22.30 -8.33 7.98
CA LEU C 275 -23.49 -8.95 7.41
C LEU C 275 -23.31 -10.42 7.02
N TYS C 276 -22.10 -10.79 6.62
CA TYS C 276 -21.86 -12.16 6.20
CB TYS C 276 -21.48 -12.21 4.72
CG TYS C 276 -22.29 -11.31 3.84
CD1 TYS C 276 -23.37 -11.77 3.10
CD2 TYS C 276 -21.96 -9.96 3.75
CE1 TYS C 276 -24.09 -10.91 2.28
CE2 TYS C 276 -22.67 -9.10 2.93
CZ TYS C 276 -23.75 -9.56 2.17
OH TYS C 276 -24.12 -8.74 1.13
S TYS C 276 -25.04 -9.32 0.08
O1 TYS C 276 -24.36 -10.48 -0.55
O2 TYS C 276 -26.29 -9.79 0.69
O3 TYS C 276 -25.27 -8.30 -0.97
C TYS C 276 -20.75 -12.83 6.99
O TYS C 276 -19.96 -12.18 7.66
N ASP C 277 -20.74 -14.16 6.90
CA ASP C 277 -19.74 -14.94 7.59
C ASP C 277 -18.59 -15.19 6.64
N TYS C 278 -17.39 -15.34 7.18
CA TYS C 278 -16.21 -15.60 6.39
CB TYS C 278 -15.36 -14.34 6.25
CG TYS C 278 -16.04 -13.20 5.51
CD1 TYS C 278 -16.64 -12.16 6.20
CD2 TYS C 278 -16.03 -13.15 4.13
CE1 TYS C 278 -17.21 -11.07 5.52
CE2 TYS C 278 -16.60 -12.09 3.44
CZ TYS C 278 -17.19 -11.03 4.12
OH TYS C 278 -17.98 -10.14 3.38
S TYS C 278 -18.66 -8.99 4.14
O1 TYS C 278 -19.52 -9.54 5.19
O2 TYS C 278 -17.65 -8.16 4.78
O3 TYS C 278 -19.51 -8.20 3.22
C TYS C 278 -15.37 -16.71 7.03
O TYS C 278 -15.31 -16.82 8.24
N TYS C 279 -14.73 -17.54 6.20
CA TYS C 279 -13.89 -18.63 6.69
CB TYS C 279 -14.63 -19.97 6.56
CG TYS C 279 -15.44 -20.10 5.29
CD1 TYS C 279 -14.94 -20.78 4.19
CD2 TYS C 279 -16.64 -19.43 5.16
CE1 TYS C 279 -15.63 -20.77 2.97
CE2 TYS C 279 -17.33 -19.41 3.96
CZ TYS C 279 -16.83 -20.07 2.84
OH TYS C 279 -17.34 -19.62 1.64
S TYS C 279 -16.62 -20.04 0.34
O1 TYS C 279 -15.24 -19.51 0.38
O2 TYS C 279 -16.54 -21.51 0.27
O3 TYS C 279 -17.29 -19.45 -0.83
C TYS C 279 -12.54 -18.69 5.95
O TYS C 279 -12.32 -19.54 5.09
N PRO C 280 -11.62 -17.77 6.31
CA PRO C 280 -10.29 -17.65 5.72
C PRO C 280 -9.31 -18.75 6.19
N GLU C 281 -8.30 -19.03 5.35
CA GLU C 281 -7.28 -20.04 5.65
C GLU C 281 -6.01 -19.84 4.80
N GLU C 282 -5.14 -18.96 5.29
CA GLU C 282 -3.86 -18.61 4.64
C GLU C 282 -2.70 -19.38 5.30
N ASP C 283 -1.48 -19.22 4.81
CA ASP C 283 -0.34 -19.94 5.39
C ASP C 283 0.85 -19.08 5.88
N THR C 284 1.98 -19.74 6.12
CA THR C 284 3.21 -19.10 6.61
C THR C 284 3.85 -18.19 5.57
C1 NAG D . -24.55 0.62 -7.17
C2 NAG D . -25.88 0.78 -8.04
C3 NAG D . -26.16 2.29 -8.24
C4 NAG D . -26.18 3.02 -6.88
C5 NAG D . -24.87 2.85 -6.14
C6 NAG D . -24.91 3.31 -4.78
C7 NAG D . -26.76 -0.84 -9.64
C8 NAG D . -26.98 -1.44 -11.05
N2 NAG D . -25.86 0.12 -9.37
O3 NAG D . -27.41 2.49 -8.85
O4 NAG D . -26.46 4.42 -7.06
O5 NAG D . -24.53 1.47 -6.00
O6 NAG D . -23.99 2.52 -4.04
O7 NAG D . -27.43 -1.27 -8.74
C1 NAG D . -27.28 5.04 -6.13
C2 NAG D . -26.75 6.46 -5.95
C3 NAG D . -27.70 7.33 -5.15
C4 NAG D . -29.04 7.36 -5.90
C5 NAG D . -29.54 5.91 -5.98
C6 NAG D . -30.88 5.77 -6.68
C7 NAG D . -24.35 6.57 -6.16
C8 NAG D . -23.00 6.32 -5.48
N2 NAG D . -25.43 6.47 -5.37
O3 NAG D . -27.15 8.64 -5.02
O4 NAG D . -29.99 8.21 -5.20
O5 NAG D . -28.61 5.08 -6.70
O6 NAG D . -31.79 5.05 -5.85
O7 NAG D . -24.38 6.84 -7.36
C1 MAN D . -29.68 9.54 -4.85
C2 MAN D . -30.85 10.24 -4.11
C3 MAN D . -31.98 10.66 -5.08
C4 MAN D . -31.39 11.46 -6.25
C5 MAN D . -30.36 10.59 -6.96
C6 MAN D . -29.76 11.33 -8.15
O2 MAN D . -30.38 11.38 -3.41
O3 MAN D . -32.97 11.46 -4.39
O4 MAN D . -32.42 11.80 -7.17
O5 MAN D . -29.27 10.27 -6.04
O6 MAN D . -28.95 10.42 -8.94
C1 MAN D . -34.17 10.81 -4.04
C2 MAN D . -35.37 11.63 -4.57
C3 MAN D . -35.50 12.95 -3.80
C4 MAN D . -35.48 12.73 -2.27
C5 MAN D . -34.29 11.84 -1.87
C6 MAN D . -34.27 11.44 -0.40
O2 MAN D . -36.57 10.87 -4.44
O3 MAN D . -36.71 13.61 -4.18
O4 MAN D . -35.39 13.98 -1.62
O5 MAN D . -34.29 10.61 -2.64
O6 MAN D . -32.96 11.16 0.04
C1 MAN D . -27.91 11.05 -9.64
C2 MAN D . -26.91 10.00 -10.15
C3 MAN D . -26.20 9.36 -8.95
C4 MAN D . -25.50 10.44 -8.10
C5 MAN D . -26.52 11.53 -7.68
C6 MAN D . -25.83 12.71 -7.01
O2 MAN D . -25.96 10.62 -11.05
O3 MAN D . -25.25 8.39 -9.38
O4 MAN D . -24.95 9.85 -6.93
O5 MAN D . -27.21 12.04 -8.85
O6 MAN D . -26.73 13.41 -6.15
N 0G7 E . -18.11 -20.23 -13.97
CA 0G7 E . -18.42 -19.72 -12.62
C 0G7 E . -17.65 -18.38 -12.41
O 0G7 E . -16.45 -18.34 -12.66
CB 0G7 E . -19.95 -19.62 -12.64
CG 0G7 E . -20.52 -18.79 -13.74
CD1 0G7 E . -19.98 -18.82 -15.02
CD2 0G7 E . -21.58 -17.93 -13.47
CE1 0G7 E . -20.49 -17.99 -16.01
CE2 0G7 E . -22.10 -17.09 -14.45
CZ 0G7 E . -21.55 -17.12 -15.72
N1 0G7 E . -18.30 -17.29 -11.90
CA1 0G7 E . -17.52 -16.05 -11.73
C1 0G7 E . -16.33 -16.19 -10.79
O1 0G7 E . -16.44 -16.80 -9.71
CB1 0G7 E . -18.56 -15.08 -11.17
CG1 0G7 E . -19.87 -15.73 -11.45
CD 0G7 E . -19.58 -17.16 -11.23
N2 0G7 E . -15.18 -15.63 -11.20
CA2 0G7 E . -13.99 -15.75 -10.36
C2 0G7 E . -13.54 -14.44 -9.71
O2 0G7 E . -13.76 -13.33 -10.28
CB2 0G7 E . -12.87 -16.38 -11.19
CG2 0G7 E . -13.24 -17.81 -11.56
CD3 0G7 E . -12.16 -18.52 -12.33
NE 0G7 E . -12.22 -19.96 -12.15
CZ1 0G7 E . -11.36 -20.81 -12.71
NH1 0G7 E . -10.41 -20.35 -13.50
NH2 0G7 E . -11.48 -22.11 -12.48
C3 0G7 E . -12.89 -14.45 -8.65
CL1 0G7 E . -13.55 -14.62 -6.94
C1 NAG F . -0.62 15.98 31.91
C2 NAG F . -0.61 17.31 32.72
C3 NAG F . 0.37 17.16 33.94
C4 NAG F . 0.11 15.86 34.79
C5 NAG F . 0.03 14.70 33.78
C6 NAG F . -0.24 13.38 34.39
C7 NAG F . -1.00 19.41 31.61
C8 NAG F . -0.36 20.48 30.74
N2 NAG F . -0.18 18.41 31.89
O3 NAG F . 0.27 18.31 34.77
O4 NAG F . 1.17 15.66 35.69
O5 NAG F . -0.99 14.93 32.78
O6 NAG F . -1.26 13.43 35.38
O7 NAG F . -2.19 19.50 31.98
#